data_1BRV
#
_entry.id   1BRV
#
_cell.length_a   1.000
_cell.length_b   1.000
_cell.length_c   1.000
_cell.angle_alpha   90.00
_cell.angle_beta   90.00
_cell.angle_gamma   90.00
#
_symmetry.space_group_name_H-M   'P 1'
#
_entity_poly.entity_id   1
_entity_poly.type   'polypeptide(L)'
_entity_poly.pdbx_seq_one_letter_code
;NHQDHNNFQTLPYVPCSTCEGNLACLSLCHIE
;
_entity_poly.pdbx_strand_id   A
#
# COMPACT_ATOMS: atom_id res chain seq x y z
N VAL A 14 0.06 -3.26 5.96
CA VAL A 14 -0.93 -3.14 4.85
C VAL A 14 -1.20 -1.69 4.30
N PRO A 15 -1.54 -0.62 5.10
CA PRO A 15 -1.85 0.74 4.58
C PRO A 15 -0.87 1.35 3.53
N CYS A 16 -1.40 2.00 2.49
CA CYS A 16 -0.60 2.54 1.35
C CYS A 16 0.49 3.60 1.73
N SER A 17 0.24 4.47 2.73
CA SER A 17 1.32 5.32 3.33
C SER A 17 2.51 4.56 4.03
N THR A 18 2.34 3.26 4.30
CA THR A 18 3.37 2.36 4.90
C THR A 18 4.01 1.35 3.87
N CYS A 19 3.34 0.99 2.75
CA CYS A 19 3.91 0.17 1.65
C CYS A 19 5.02 0.94 0.84
N GLU A 20 4.79 2.23 0.54
CA GLU A 20 5.77 3.19 -0.02
C GLU A 20 6.56 2.78 -1.30
N GLY A 21 5.80 2.33 -2.30
CA GLY A 21 6.37 1.85 -3.58
C GLY A 21 6.45 0.33 -3.80
N ASN A 22 6.06 -0.50 -2.81
CA ASN A 22 5.99 -1.97 -2.98
C ASN A 22 4.60 -2.26 -3.53
N LEU A 23 4.58 -2.58 -4.81
CA LEU A 23 3.29 -2.74 -5.49
C LEU A 23 2.33 -3.87 -5.03
N ALA A 24 2.89 -4.92 -4.42
CA ALA A 24 2.13 -5.95 -3.69
C ALA A 24 1.50 -5.40 -2.36
N CYS A 25 2.29 -4.75 -1.48
CA CYS A 25 1.77 -4.03 -0.26
C CYS A 25 0.68 -2.96 -0.56
N LEU A 26 1.00 -2.09 -1.50
CA LEU A 26 0.09 -1.11 -2.10
C LEU A 26 -1.23 -1.66 -2.77
N SER A 27 -1.17 -2.86 -3.37
CA SER A 27 -2.38 -3.58 -3.89
C SER A 27 -3.34 -4.12 -2.77
N LEU A 28 -2.81 -4.63 -1.65
CA LEU A 28 -3.63 -5.02 -0.45
C LEU A 28 -4.24 -3.86 0.40
N CYS A 29 -3.68 -2.67 0.26
CA CYS A 29 -3.98 -1.55 1.14
C CYS A 29 -5.34 -0.77 1.18
N HIS A 30 -5.38 -0.02 2.29
CA HIS A 30 -6.41 0.98 2.59
C HIS A 30 -5.82 2.37 2.17
N ILE A 31 -6.60 3.22 1.48
CA ILE A 31 -6.07 4.51 0.92
C ILE A 31 -6.30 5.66 1.96
N GLU A 32 -5.19 6.12 2.56
CA GLU A 32 -5.16 7.14 3.63
C GLU A 32 -3.91 8.05 3.53
N VAL A 14 -3.15 -3.22 5.12
CA VAL A 14 -4.05 -2.18 4.52
C VAL A 14 -3.68 -0.63 4.58
N PRO A 15 -2.64 -0.08 5.26
CA PRO A 15 -2.29 1.37 5.16
C PRO A 15 -1.22 1.62 4.03
N CYS A 16 -1.64 2.13 2.86
CA CYS A 16 -0.73 2.50 1.72
C CYS A 16 0.49 3.43 2.05
N SER A 17 0.35 4.33 3.04
CA SER A 17 1.50 5.09 3.63
C SER A 17 2.71 4.28 4.20
N THR A 18 2.51 2.98 4.45
CA THR A 18 3.55 2.03 4.93
C THR A 18 4.17 1.11 3.82
N CYS A 19 3.47 0.90 2.68
CA CYS A 19 3.99 0.15 1.51
C CYS A 19 5.05 0.96 0.69
N GLU A 20 4.78 2.25 0.42
CA GLU A 20 5.74 3.25 -0.16
C GLU A 20 6.46 2.88 -1.49
N GLY A 21 5.65 2.45 -2.46
CA GLY A 21 6.16 1.99 -3.77
C GLY A 21 6.29 0.47 -4.00
N ASN A 22 5.97 -0.38 -2.99
CA ASN A 22 5.95 -1.84 -3.16
C ASN A 22 4.56 -2.17 -3.65
N LEU A 23 4.49 -2.54 -4.91
CA LEU A 23 3.20 -2.72 -5.55
C LEU A 23 2.25 -3.85 -5.04
N ALA A 24 2.83 -4.89 -4.44
CA ALA A 24 2.09 -5.91 -3.68
C ALA A 24 1.54 -5.39 -2.31
N CYS A 25 2.37 -4.73 -1.47
CA CYS A 25 1.90 -4.01 -0.25
C CYS A 25 0.80 -2.96 -0.51
N LEU A 26 1.04 -2.17 -1.55
CA LEU A 26 0.06 -1.24 -2.14
C LEU A 26 -1.25 -1.86 -2.72
N SER A 27 -1.16 -3.07 -3.29
CA SER A 27 -2.35 -3.89 -3.67
C SER A 27 -3.21 -4.42 -2.45
N LEU A 28 -2.62 -4.56 -1.25
CA LEU A 28 -3.38 -4.85 0.01
C LEU A 28 -4.16 -3.62 0.56
N CYS A 29 -3.58 -2.42 0.40
CA CYS A 29 -4.21 -1.17 0.77
C CYS A 29 -5.03 -0.46 -0.37
N HIS A 30 -5.60 0.67 0.03
CA HIS A 30 -6.33 1.61 -0.85
C HIS A 30 -5.33 2.76 -1.23
N ILE A 31 -5.14 3.00 -2.53
CA ILE A 31 -4.13 3.98 -3.02
C ILE A 31 -4.83 5.37 -3.26
N GLU A 32 -4.42 6.39 -2.50
CA GLU A 32 -5.04 7.74 -2.53
C GLU A 32 -4.55 8.59 -3.74
N VAL A 14 -4.22 -2.77 6.56
CA VAL A 14 -3.76 -2.53 5.16
C VAL A 14 -3.51 -0.99 4.88
N PRO A 15 -2.38 -0.34 5.32
CA PRO A 15 -2.15 1.11 5.08
C PRO A 15 -1.10 1.41 3.95
N CYS A 16 -1.56 2.02 2.84
CA CYS A 16 -0.70 2.44 1.70
C CYS A 16 0.49 3.41 2.02
N SER A 17 0.34 4.32 3.01
CA SER A 17 1.47 5.13 3.57
C SER A 17 2.69 4.36 4.18
N THR A 18 2.54 3.06 4.41
CA THR A 18 3.61 2.16 4.92
C THR A 18 4.23 1.22 3.82
N CYS A 19 3.51 0.95 2.69
CA CYS A 19 4.03 0.20 1.53
C CYS A 19 5.07 1.02 0.69
N GLU A 20 4.78 2.30 0.42
CA GLU A 20 5.73 3.29 -0.19
C GLU A 20 6.45 2.92 -1.52
N GLY A 21 5.65 2.44 -2.47
CA GLY A 21 6.16 1.97 -3.77
C GLY A 21 6.30 0.44 -3.97
N ASN A 22 5.98 -0.39 -2.97
CA ASN A 22 5.95 -1.86 -3.11
C ASN A 22 4.56 -2.19 -3.59
N LEU A 23 4.49 -2.55 -4.85
CA LEU A 23 3.19 -2.71 -5.49
C LEU A 23 2.24 -3.85 -4.99
N ALA A 24 2.81 -4.88 -4.38
CA ALA A 24 2.05 -5.91 -3.63
C ALA A 24 1.51 -5.39 -2.24
N CYS A 25 2.36 -4.73 -1.41
CA CYS A 25 1.90 -4.00 -0.19
C CYS A 25 0.78 -2.97 -0.45
N LEU A 26 1.02 -2.17 -1.49
CA LEU A 26 0.04 -1.24 -2.09
C LEU A 26 -1.26 -1.88 -2.70
N SER A 27 -1.16 -3.07 -3.28
CA SER A 27 -2.35 -3.87 -3.71
C SER A 27 -3.25 -4.39 -2.54
N LEU A 28 -2.69 -4.58 -1.32
CA LEU A 28 -3.50 -4.86 -0.09
C LEU A 28 -4.28 -3.62 0.42
N CYS A 29 -3.61 -2.45 0.43
CA CYS A 29 -4.24 -1.19 0.81
C CYS A 29 -5.05 -0.45 -0.31
N HIS A 30 -5.60 0.67 0.16
CA HIS A 30 -6.39 1.64 -0.64
C HIS A 30 -5.41 2.77 -1.10
N ILE A 31 -5.23 2.94 -2.42
CA ILE A 31 -4.23 3.91 -2.97
C ILE A 31 -4.88 5.31 -3.26
N GLU A 32 -5.83 5.41 -4.20
CA GLU A 32 -6.53 6.68 -4.53
C GLU A 32 -8.03 6.39 -4.82
N VAL A 14 -4.04 -2.88 6.58
CA VAL A 14 -3.57 -2.59 5.21
C VAL A 14 -3.40 -1.05 4.91
N PRO A 15 -2.36 -0.32 5.43
CA PRO A 15 -2.18 1.13 5.14
C PRO A 15 -1.13 1.44 4.01
N CYS A 16 -1.59 2.01 2.88
CA CYS A 16 -0.72 2.44 1.73
C CYS A 16 0.45 3.43 2.06
N SER A 17 0.29 4.32 3.07
CA SER A 17 1.40 5.13 3.64
C SER A 17 2.68 4.38 4.16
N THR A 18 2.55 3.08 4.43
CA THR A 18 3.66 2.20 4.89
C THR A 18 4.25 1.26 3.78
N CYS A 19 3.51 0.97 2.69
CA CYS A 19 4.01 0.20 1.52
C CYS A 19 5.06 0.99 0.68
N GLU A 20 4.80 2.28 0.42
CA GLU A 20 5.76 3.27 -0.18
C GLU A 20 6.49 2.89 -1.51
N GLY A 21 5.68 2.42 -2.46
CA GLY A 21 6.20 1.94 -3.75
C GLY A 21 6.33 0.41 -3.95
N ASN A 22 5.99 -0.42 -2.94
CA ASN A 22 5.95 -1.88 -3.08
C ASN A 22 4.55 -2.20 -3.58
N LEU A 23 4.49 -2.57 -4.83
CA LEU A 23 3.19 -2.73 -5.47
C LEU A 23 2.22 -3.86 -4.99
N ALA A 24 2.79 -4.89 -4.37
CA ALA A 24 2.03 -5.91 -3.61
C ALA A 24 1.47 -5.37 -2.25
N CYS A 25 2.31 -4.72 -1.41
CA CYS A 25 1.85 -3.99 -0.19
C CYS A 25 0.74 -2.93 -0.48
N LEU A 26 0.98 -2.14 -1.51
CA LEU A 26 0.03 -1.20 -2.12
C LEU A 26 -1.27 -1.80 -2.76
N SER A 27 -1.18 -3.02 -3.30
CA SER A 27 -2.38 -3.80 -3.75
C SER A 27 -3.27 -4.37 -2.57
N LEU A 28 -2.70 -4.57 -1.36
CA LEU A 28 -3.48 -4.91 -0.14
C LEU A 28 -4.24 -3.67 0.42
N CYS A 29 -3.55 -2.53 0.50
CA CYS A 29 -4.16 -1.27 0.86
C CYS A 29 -4.98 -0.55 -0.26
N HIS A 30 -5.63 0.50 0.21
CA HIS A 30 -6.44 1.40 -0.63
C HIS A 30 -5.61 2.68 -0.94
N ILE A 31 -5.40 2.93 -2.23
CA ILE A 31 -4.53 4.04 -2.72
C ILE A 31 -5.25 5.39 -3.11
N GLU A 32 -6.61 5.45 -3.12
CA GLU A 32 -7.39 6.66 -3.40
C GLU A 32 -8.73 6.64 -2.61
N VAL A 14 0.00 -3.18 6.10
CA VAL A 14 -0.92 -3.09 4.92
C VAL A 14 -1.20 -1.65 4.34
N PRO A 15 -1.55 -0.58 5.10
CA PRO A 15 -1.87 0.78 4.57
C PRO A 15 -0.88 1.37 3.51
N CYS A 16 -1.41 2.03 2.48
CA CYS A 16 -0.61 2.56 1.34
C CYS A 16 0.51 3.58 1.70
N SER A 17 0.27 4.49 2.66
CA SER A 17 1.36 5.32 3.28
C SER A 17 2.51 4.55 4.02
N THR A 18 2.34 3.25 4.28
CA THR A 18 3.34 2.35 4.90
C THR A 18 3.99 1.33 3.89
N CYS A 19 3.32 0.97 2.76
CA CYS A 19 3.90 0.17 1.66
C CYS A 19 5.01 0.93 0.85
N GLU A 20 4.78 2.23 0.55
CA GLU A 20 5.77 3.18 -0.01
C GLU A 20 6.55 2.78 -1.29
N GLY A 21 5.79 2.34 -2.30
CA GLY A 21 6.36 1.85 -3.57
C GLY A 21 6.45 0.33 -3.78
N ASN A 22 6.05 -0.50 -2.81
CA ASN A 22 5.98 -1.96 -2.97
C ASN A 22 4.60 -2.26 -3.53
N LEU A 23 4.57 -2.58 -4.80
CA LEU A 23 3.30 -2.73 -5.49
C LEU A 23 2.33 -3.87 -5.04
N ALA A 24 2.89 -4.91 -4.43
CA ALA A 24 2.13 -5.95 -3.70
C ALA A 24 1.49 -5.38 -2.37
N CYS A 25 2.27 -4.75 -1.48
CA CYS A 25 1.77 -4.03 -0.27
C CYS A 25 0.67 -2.95 -0.56
N LEU A 26 1.00 -2.08 -1.51
CA LEU A 26 0.08 -1.09 -2.10
C LEU A 26 -1.23 -1.65 -2.77
N SER A 27 -1.19 -2.84 -3.38
CA SER A 27 -2.40 -3.55 -3.90
C SER A 27 -3.34 -4.12 -2.78
N LEU A 28 -2.79 -4.60 -1.66
CA LEU A 28 -3.60 -5.01 -0.45
C LEU A 28 -4.20 -3.86 0.41
N CYS A 29 -3.63 -2.67 0.30
CA CYS A 29 -3.94 -1.57 1.18
C CYS A 29 -5.30 -0.81 1.26
N HIS A 30 -5.38 -0.12 2.39
CA HIS A 30 -6.44 0.84 2.74
C HIS A 30 -5.87 2.28 2.41
N ILE A 31 -6.64 3.15 1.75
CA ILE A 31 -6.12 4.49 1.30
C ILE A 31 -6.43 5.59 2.38
N GLU A 32 -5.61 5.58 3.45
CA GLU A 32 -5.62 6.58 4.56
C GLU A 32 -7.00 7.00 5.15
N VAL A 14 -4.27 -2.74 6.53
CA VAL A 14 -3.80 -2.48 5.15
C VAL A 14 -3.54 -0.94 4.87
N PRO A 15 -2.44 -0.28 5.37
CA PRO A 15 -2.20 1.17 5.10
C PRO A 15 -1.15 1.45 3.98
N CYS A 16 -1.58 2.06 2.86
CA CYS A 16 -0.70 2.47 1.72
C CYS A 16 0.49 3.43 2.06
N SER A 17 0.34 4.33 3.06
CA SER A 17 1.47 5.12 3.64
C SER A 17 2.71 4.35 4.22
N THR A 18 2.55 3.04 4.44
CA THR A 18 3.64 2.13 4.92
C THR A 18 4.26 1.21 3.81
N CYS A 19 3.54 0.95 2.69
CA CYS A 19 4.05 0.19 1.52
C CYS A 19 5.08 1.02 0.67
N GLU A 20 4.78 2.31 0.41
CA GLU A 20 5.72 3.31 -0.20
C GLU A 20 6.45 2.93 -1.53
N GLY A 21 5.65 2.44 -2.48
CA GLY A 21 6.16 1.96 -3.77
C GLY A 21 6.31 0.43 -3.98
N ASN A 22 5.97 -0.40 -2.97
CA ASN A 22 5.94 -1.86 -3.12
C ASN A 22 4.54 -2.19 -3.61
N LEU A 23 4.46 -2.56 -4.87
CA LEU A 23 3.17 -2.74 -5.51
C LEU A 23 2.21 -3.87 -5.00
N ALA A 24 2.79 -4.89 -4.37
CA ALA A 24 2.03 -5.92 -3.62
C ALA A 24 1.50 -5.39 -2.25
N CYS A 25 2.35 -4.74 -1.41
CA CYS A 25 1.90 -4.01 -0.18
C CYS A 25 0.78 -2.97 -0.45
N LEU A 26 1.02 -2.17 -1.49
CA LEU A 26 0.05 -1.25 -2.08
C LEU A 26 -1.25 -1.88 -2.69
N SER A 27 -1.15 -3.06 -3.29
CA SER A 27 -2.35 -3.86 -3.71
C SER A 27 -3.24 -4.41 -2.53
N LEU A 28 -2.68 -4.56 -1.31
CA LEU A 28 -3.48 -4.85 -0.09
C LEU A 28 -4.26 -3.61 0.41
N CYS A 29 -3.60 -2.44 0.44
CA CYS A 29 -4.23 -1.18 0.76
C CYS A 29 -5.00 -0.46 -0.39
N HIS A 30 -5.54 0.69 0.00
CA HIS A 30 -6.29 1.63 -0.88
C HIS A 30 -5.29 2.75 -1.31
N ILE A 31 -5.01 2.87 -2.61
CA ILE A 31 -3.96 3.81 -3.11
C ILE A 31 -4.64 5.19 -3.49
N GLU A 32 -4.80 6.07 -2.49
CA GLU A 32 -5.47 7.38 -2.67
C GLU A 32 -4.48 8.48 -3.21
N VAL A 14 -4.27 -2.66 6.56
CA VAL A 14 -3.73 -2.41 5.20
C VAL A 14 -3.50 -0.88 4.91
N PRO A 15 -2.44 -0.18 5.43
CA PRO A 15 -2.19 1.26 5.12
C PRO A 15 -1.12 1.49 4.00
N CYS A 16 -1.55 2.08 2.86
CA CYS A 16 -0.67 2.44 1.71
C CYS A 16 0.55 3.39 2.01
N SER A 17 0.43 4.30 3.00
CA SER A 17 1.59 5.07 3.55
C SER A 17 2.86 4.27 4.01
N THR A 18 2.63 3.04 4.47
CA THR A 18 3.70 2.09 4.92
C THR A 18 4.24 1.15 3.79
N CYS A 19 3.45 0.87 2.73
CA CYS A 19 3.92 0.14 1.52
C CYS A 19 4.92 0.98 0.66
N GLU A 20 4.65 2.29 0.48
CA GLU A 20 5.58 3.30 -0.09
C GLU A 20 6.35 2.98 -1.41
N GLY A 21 5.57 2.48 -2.37
CA GLY A 21 6.11 2.02 -3.67
C GLY A 21 6.25 0.49 -3.87
N ASN A 22 5.94 -0.34 -2.87
CA ASN A 22 5.93 -1.81 -3.03
C ASN A 22 4.54 -2.17 -3.54
N LEU A 23 4.50 -2.53 -4.81
CA LEU A 23 3.23 -2.71 -5.47
C LEU A 23 2.27 -3.86 -5.00
N ALA A 24 2.84 -4.87 -4.36
CA ALA A 24 2.10 -5.90 -3.61
C ALA A 24 1.52 -5.39 -2.25
N CYS A 25 2.34 -4.73 -1.40
CA CYS A 25 1.84 -4.02 -0.17
C CYS A 25 0.73 -2.96 -0.46
N LEU A 26 0.98 -2.17 -1.50
CA LEU A 26 0.03 -1.24 -2.11
C LEU A 26 -1.26 -1.87 -2.73
N SER A 27 -1.15 -3.07 -3.32
CA SER A 27 -2.34 -3.88 -3.73
C SER A 27 -3.21 -4.42 -2.55
N LEU A 28 -2.65 -4.56 -1.33
CA LEU A 28 -3.45 -4.85 -0.09
C LEU A 28 -4.22 -3.61 0.41
N CYS A 29 -3.56 -2.45 0.45
CA CYS A 29 -4.19 -1.19 0.81
C CYS A 29 -4.99 -0.44 -0.31
N HIS A 30 -5.54 0.69 0.13
CA HIS A 30 -6.31 1.65 -0.69
C HIS A 30 -5.32 2.77 -1.15
N ILE A 31 -5.12 2.91 -2.47
CA ILE A 31 -4.08 3.87 -3.01
C ILE A 31 -4.71 5.28 -3.31
N GLU A 32 -5.83 5.37 -4.06
CA GLU A 32 -6.56 6.65 -4.36
C GLU A 32 -5.79 7.60 -5.32
N VAL A 14 -1.28 -3.62 6.19
CA VAL A 14 -1.46 -3.22 4.77
C VAL A 14 -1.64 -1.71 4.37
N PRO A 15 -1.62 -0.60 5.17
CA PRO A 15 -1.90 0.77 4.67
C PRO A 15 -0.87 1.34 3.63
N CYS A 16 -1.36 1.95 2.55
CA CYS A 16 -0.53 2.48 1.42
C CYS A 16 0.60 3.49 1.78
N SER A 17 0.40 4.36 2.78
CA SER A 17 1.51 5.20 3.38
C SER A 17 2.76 4.42 3.91
N THR A 18 2.55 3.19 4.37
CA THR A 18 3.60 2.28 4.88
C THR A 18 4.14 1.25 3.80
N CYS A 19 3.36 0.92 2.75
CA CYS A 19 3.86 0.16 1.59
C CYS A 19 4.88 0.98 0.74
N GLU A 20 4.58 2.27 0.49
CA GLU A 20 5.52 3.30 -0.07
C GLU A 20 6.38 2.96 -1.32
N GLY A 21 5.69 2.40 -2.30
CA GLY A 21 6.32 1.90 -3.54
C GLY A 21 6.43 0.37 -3.71
N ASN A 22 6.04 -0.44 -2.71
CA ASN A 22 5.99 -1.91 -2.84
C ASN A 22 4.62 -2.23 -3.43
N LEU A 23 4.63 -2.58 -4.69
CA LEU A 23 3.36 -2.75 -5.41
C LEU A 23 2.38 -3.88 -4.97
N ALA A 24 2.93 -4.91 -4.32
CA ALA A 24 2.16 -5.94 -3.60
C ALA A 24 1.49 -5.38 -2.28
N CYS A 25 2.26 -4.71 -1.40
CA CYS A 25 1.72 -3.99 -0.20
C CYS A 25 0.64 -2.92 -0.52
N LEU A 26 0.97 -2.07 -1.48
CA LEU A 26 0.06 -1.09 -2.10
C LEU A 26 -1.24 -1.66 -2.77
N SER A 27 -1.17 -2.86 -3.37
CA SER A 27 -2.37 -3.59 -3.88
C SER A 27 -3.32 -4.16 -2.77
N LEU A 28 -2.79 -4.58 -1.60
CA LEU A 28 -3.63 -4.97 -0.41
C LEU A 28 -4.29 -3.80 0.37
N CYS A 29 -3.73 -2.61 0.27
CA CYS A 29 -4.15 -1.46 1.04
C CYS A 29 -5.52 -0.74 0.81
N HIS A 30 -5.72 0.18 1.75
CA HIS A 30 -6.82 1.16 1.73
C HIS A 30 -6.22 2.45 1.06
N ILE A 31 -6.77 2.85 -0.10
CA ILE A 31 -6.18 3.93 -0.95
C ILE A 31 -6.86 5.30 -0.61
N GLU A 32 -6.24 6.06 0.30
CA GLU A 32 -6.74 7.38 0.74
C GLU A 32 -6.41 8.51 -0.28
N VAL A 14 -3.33 -3.13 5.14
CA VAL A 14 -4.16 -2.05 4.53
C VAL A 14 -3.72 -0.53 4.59
N PRO A 15 -2.66 -0.02 5.28
CA PRO A 15 -2.23 1.40 5.18
C PRO A 15 -1.16 1.62 4.05
N CYS A 16 -1.59 2.11 2.88
CA CYS A 16 -0.71 2.46 1.72
C CYS A 16 0.52 3.38 2.02
N SER A 17 0.42 4.28 3.01
CA SER A 17 1.60 5.03 3.56
C SER A 17 2.82 4.20 4.05
N THR A 18 2.57 2.96 4.47
CA THR A 18 3.60 1.99 4.94
C THR A 18 4.18 1.07 3.80
N CYS A 19 3.43 0.81 2.70
CA CYS A 19 3.92 0.11 1.51
C CYS A 19 4.92 0.96 0.66
N GLU A 20 4.63 2.26 0.47
CA GLU A 20 5.54 3.29 -0.11
C GLU A 20 6.31 2.98 -1.43
N GLY A 21 5.55 2.47 -2.39
CA GLY A 21 6.10 2.03 -3.68
C GLY A 21 6.26 0.51 -3.90
N ASN A 22 5.95 -0.33 -2.91
CA ASN A 22 5.95 -1.80 -3.07
C ASN A 22 4.57 -2.16 -3.60
N LEU A 23 4.52 -2.53 -4.85
CA LEU A 23 3.24 -2.72 -5.51
C LEU A 23 2.29 -3.85 -5.03
N ALA A 24 2.86 -4.88 -4.40
CA ALA A 24 2.12 -5.92 -3.66
C ALA A 24 1.56 -5.43 -2.28
N CYS A 25 2.39 -4.76 -1.45
CA CYS A 25 1.90 -4.06 -0.22
C CYS A 25 0.78 -3.00 -0.50
N LEU A 26 1.04 -2.21 -1.54
CA LEU A 26 0.08 -1.28 -2.14
C LEU A 26 -1.23 -1.90 -2.74
N SER A 27 -1.13 -3.12 -3.30
CA SER A 27 -2.34 -3.92 -3.70
C SER A 27 -3.22 -4.39 -2.49
N LEU A 28 -2.65 -4.59 -1.28
CA LEU A 28 -3.44 -4.85 -0.03
C LEU A 28 -4.18 -3.59 0.52
N CYS A 29 -3.57 -2.41 0.36
CA CYS A 29 -4.15 -1.15 0.75
C CYS A 29 -4.92 -0.36 -0.37
N HIS A 30 -5.43 0.80 0.07
CA HIS A 30 -6.20 1.73 -0.79
C HIS A 30 -5.43 3.08 -0.91
N ILE A 31 -5.64 4.08 -0.03
CA ILE A 31 -4.94 5.41 -0.09
C ILE A 31 -4.52 5.81 1.36
N GLU A 32 -3.21 5.94 1.61
CA GLU A 32 -2.62 6.40 2.91
C GLU A 32 -3.04 5.60 4.19
N VAL A 14 -0.15 -3.42 6.00
CA VAL A 14 -1.10 -3.23 4.86
C VAL A 14 -1.27 -1.76 4.32
N PRO A 15 -1.53 -0.69 5.12
CA PRO A 15 -1.78 0.69 4.64
C PRO A 15 -0.80 1.28 3.57
N CYS A 16 -1.36 1.93 2.53
CA CYS A 16 -0.58 2.50 1.41
C CYS A 16 0.49 3.57 1.76
N SER A 17 0.23 4.44 2.75
CA SER A 17 1.29 5.29 3.37
C SER A 17 2.50 4.56 4.04
N THR A 18 2.37 3.26 4.31
CA THR A 18 3.42 2.39 4.90
C THR A 18 4.06 1.38 3.88
N CYS A 19 3.39 1.02 2.75
CA CYS A 19 3.96 0.20 1.66
C CYS A 19 5.05 0.98 0.83
N GLU A 20 4.79 2.26 0.50
CA GLU A 20 5.75 3.24 -0.09
C GLU A 20 6.55 2.81 -1.36
N GLY A 21 5.80 2.33 -2.35
CA GLY A 21 6.38 1.83 -3.61
C GLY A 21 6.46 0.31 -3.82
N ASN A 22 6.08 -0.52 -2.83
CA ASN A 22 6.00 -1.98 -2.99
C ASN A 22 4.61 -2.27 -3.53
N LEU A 23 4.57 -2.59 -4.81
CA LEU A 23 3.29 -2.76 -5.48
C LEU A 23 2.32 -3.89 -5.01
N ALA A 24 2.89 -4.93 -4.41
CA ALA A 24 2.12 -5.95 -3.66
C ALA A 24 1.51 -5.39 -2.33
N CYS A 25 2.31 -4.75 -1.44
CA CYS A 25 1.80 -4.02 -0.23
C CYS A 25 0.71 -2.95 -0.52
N LEU A 26 1.03 -2.10 -1.47
CA LEU A 26 0.12 -1.11 -2.06
C LEU A 26 -1.20 -1.66 -2.71
N SER A 27 -1.16 -2.83 -3.37
CA SER A 27 -2.39 -3.52 -3.90
C SER A 27 -3.35 -4.08 -2.79
N LEU A 28 -2.83 -4.57 -1.66
CA LEU A 28 -3.67 -4.98 -0.47
C LEU A 28 -4.32 -3.83 0.37
N CYS A 29 -3.76 -2.63 0.25
CA CYS A 29 -4.11 -1.50 1.10
C CYS A 29 -5.47 -0.72 0.95
N HIS A 30 -5.51 0.33 1.78
CA HIS A 30 -6.60 1.34 1.83
C HIS A 30 -6.32 2.61 0.93
N ILE A 31 -5.07 3.11 0.87
CA ILE A 31 -4.67 4.32 0.08
C ILE A 31 -4.14 3.98 -1.37
N GLU A 32 -4.96 3.31 -2.18
CA GLU A 32 -4.59 2.88 -3.56
C GLU A 32 -4.60 4.01 -4.62
N VAL A 14 -1.98 -3.58 4.85
CA VAL A 14 -3.11 -2.72 4.39
C VAL A 14 -3.04 -1.15 4.46
N PRO A 15 -2.13 -0.42 5.16
CA PRO A 15 -2.02 1.06 5.06
C PRO A 15 -1.00 1.47 3.94
N CYS A 16 -1.48 1.99 2.79
CA CYS A 16 -0.61 2.44 1.66
C CYS A 16 0.54 3.45 1.98
N SER A 17 0.34 4.37 2.95
CA SER A 17 1.45 5.20 3.53
C SER A 17 2.70 4.46 4.13
N THR A 18 2.57 3.17 4.37
CA THR A 18 3.66 2.28 4.89
C THR A 18 4.27 1.33 3.79
N CYS A 19 3.53 1.00 2.70
CA CYS A 19 4.05 0.22 1.55
C CYS A 19 5.10 1.02 0.70
N GLU A 20 4.82 2.31 0.42
CA GLU A 20 5.76 3.30 -0.19
C GLU A 20 6.52 2.90 -1.49
N GLY A 21 5.74 2.40 -2.45
CA GLY A 21 6.28 1.90 -3.73
C GLY A 21 6.40 0.37 -3.91
N ASN A 22 6.03 -0.44 -2.89
CA ASN A 22 5.99 -1.91 -3.02
C ASN A 22 4.60 -2.23 -3.54
N LEU A 23 4.55 -2.59 -4.80
CA LEU A 23 3.26 -2.77 -5.46
C LEU A 23 2.32 -3.91 -4.96
N ALA A 24 2.89 -4.93 -4.34
CA ALA A 24 2.14 -5.95 -3.56
C ALA A 24 1.54 -5.38 -2.24
N CYS A 25 2.34 -4.73 -1.38
CA CYS A 25 1.85 -3.99 -0.17
C CYS A 25 0.74 -2.92 -0.45
N LEU A 26 1.01 -2.11 -1.46
CA LEU A 26 0.07 -1.16 -2.05
C LEU A 26 -1.22 -1.76 -2.72
N SER A 27 -1.12 -2.94 -3.36
CA SER A 27 -2.32 -3.66 -3.89
C SER A 27 -3.28 -4.26 -2.79
N LEU A 28 -2.78 -4.60 -1.59
CA LEU A 28 -3.63 -4.97 -0.42
C LEU A 28 -4.40 -3.79 0.23
N CYS A 29 -3.84 -2.59 0.19
CA CYS A 29 -4.32 -1.44 0.92
C CYS A 29 -5.62 -0.70 0.45
N HIS A 30 -5.89 0.38 1.20
CA HIS A 30 -6.94 1.37 0.89
C HIS A 30 -6.19 2.53 0.13
N ILE A 31 -6.50 2.73 -1.16
CA ILE A 31 -5.79 3.73 -2.01
C ILE A 31 -6.65 5.04 -2.07
N GLU A 32 -6.54 5.89 -1.03
CA GLU A 32 -7.34 7.13 -0.90
C GLU A 32 -6.63 8.36 -1.55
N VAL A 14 -1.67 -3.36 4.94
CA VAL A 14 -2.90 -2.62 4.53
C VAL A 14 -2.96 -1.04 4.56
N PRO A 15 -2.14 -0.24 5.29
CA PRO A 15 -2.11 1.23 5.14
C PRO A 15 -1.12 1.62 3.99
N CYS A 16 -1.61 2.04 2.81
CA CYS A 16 -0.74 2.47 1.66
C CYS A 16 0.40 3.50 1.94
N SER A 17 0.18 4.44 2.89
CA SER A 17 1.28 5.30 3.45
C SER A 17 2.52 4.60 4.12
N THR A 18 2.46 3.27 4.27
CA THR A 18 3.54 2.41 4.83
C THR A 18 4.15 1.40 3.78
N CYS A 19 3.43 1.04 2.68
CA CYS A 19 3.97 0.18 1.59
C CYS A 19 5.14 0.83 0.77
N GLU A 20 5.10 2.16 0.57
CA GLU A 20 6.19 2.99 0.01
C GLU A 20 6.82 2.60 -1.36
N GLY A 21 5.92 2.34 -2.32
CA GLY A 21 6.35 1.87 -3.67
C GLY A 21 6.42 0.34 -3.89
N ASN A 22 6.01 -0.48 -2.91
CA ASN A 22 5.93 -1.94 -3.07
C ASN A 22 4.54 -2.21 -3.61
N LEU A 23 4.49 -2.53 -4.87
CA LEU A 23 3.21 -2.68 -5.54
C LEU A 23 2.26 -3.83 -5.06
N ALA A 24 2.83 -4.87 -4.46
CA ALA A 24 2.08 -5.92 -3.72
C ALA A 24 1.46 -5.40 -2.37
N CYS A 25 2.23 -4.67 -1.53
CA CYS A 25 1.71 -3.96 -0.31
C CYS A 25 0.65 -2.87 -0.60
N LEU A 26 0.95 -2.05 -1.58
CA LEU A 26 0.02 -1.07 -2.17
C LEU A 26 -1.28 -1.67 -2.84
N SER A 27 -1.18 -2.86 -3.45
CA SER A 27 -2.37 -3.65 -3.93
C SER A 27 -3.28 -4.21 -2.77
N LEU A 28 -2.69 -4.66 -1.65
CA LEU A 28 -3.45 -5.11 -0.44
C LEU A 28 -3.92 -3.98 0.55
N CYS A 29 -3.80 -2.70 0.17
CA CYS A 29 -4.23 -1.56 0.98
C CYS A 29 -5.52 -0.83 0.50
N HIS A 30 -5.90 0.16 1.32
CA HIS A 30 -6.99 1.11 0.99
C HIS A 30 -6.35 2.41 0.41
N ILE A 31 -6.54 2.59 -0.90
CA ILE A 31 -5.92 3.66 -1.70
C ILE A 31 -6.87 4.89 -1.99
N GLU A 32 -7.20 5.65 -0.94
CA GLU A 32 -8.12 6.82 -1.04
C GLU A 32 -7.38 8.12 -1.49
N VAL A 14 -4.15 -2.87 6.59
CA VAL A 14 -3.64 -2.61 5.22
C VAL A 14 -3.46 -1.08 4.91
N PRO A 15 -2.43 -0.33 5.42
CA PRO A 15 -2.25 1.12 5.12
C PRO A 15 -1.20 1.42 3.99
N CYS A 16 -1.64 2.02 2.88
CA CYS A 16 -0.78 2.46 1.74
C CYS A 16 0.39 3.45 2.11
N SER A 17 0.20 4.31 3.12
CA SER A 17 1.31 5.13 3.73
C SER A 17 2.54 4.38 4.35
N THR A 18 2.48 3.05 4.42
CA THR A 18 3.59 2.18 4.90
C THR A 18 4.22 1.25 3.79
N CYS A 19 3.56 1.07 2.62
CA CYS A 19 4.08 0.27 1.47
C CYS A 19 5.18 1.00 0.62
N GLU A 20 5.04 2.33 0.40
CA GLU A 20 6.05 3.21 -0.25
C GLU A 20 6.65 2.80 -1.62
N GLY A 21 5.75 2.45 -2.53
CA GLY A 21 6.14 1.96 -3.87
C GLY A 21 6.29 0.42 -4.06
N ASN A 22 5.98 -0.39 -3.03
CA ASN A 22 5.95 -1.86 -3.15
C ASN A 22 4.55 -2.19 -3.62
N LEU A 23 4.47 -2.58 -4.88
CA LEU A 23 3.17 -2.75 -5.50
C LEU A 23 2.22 -3.88 -4.98
N ALA A 24 2.81 -4.90 -4.35
CA ALA A 24 2.07 -5.91 -3.57
C ALA A 24 1.54 -5.37 -2.20
N CYS A 25 2.37 -4.69 -1.39
CA CYS A 25 1.92 -3.94 -0.17
C CYS A 25 0.78 -2.91 -0.45
N LEU A 26 1.02 -2.13 -1.51
CA LEU A 26 0.04 -1.22 -2.12
C LEU A 26 -1.25 -1.85 -2.73
N SER A 27 -1.15 -3.06 -3.28
CA SER A 27 -2.35 -3.86 -3.72
C SER A 27 -3.23 -4.40 -2.55
N LEU A 28 -2.69 -4.57 -1.32
CA LEU A 28 -3.50 -4.87 -0.11
C LEU A 28 -4.26 -3.63 0.41
N CYS A 29 -3.59 -2.47 0.46
CA CYS A 29 -4.21 -1.21 0.83
C CYS A 29 -5.03 -0.46 -0.25
N HIS A 30 -5.68 0.59 0.26
CA HIS A 30 -6.52 1.53 -0.52
C HIS A 30 -5.74 2.86 -0.75
N ILE A 31 -5.58 3.24 -2.02
CA ILE A 31 -4.79 4.43 -2.43
C ILE A 31 -5.61 5.75 -2.68
N GLU A 32 -6.87 5.67 -3.18
CA GLU A 32 -7.78 6.82 -3.38
C GLU A 32 -7.31 7.85 -4.46
N VAL A 14 -1.64 -3.65 4.83
CA VAL A 14 -2.82 -2.84 4.38
C VAL A 14 -2.81 -1.26 4.47
N PRO A 15 -1.94 -0.49 5.18
CA PRO A 15 -1.89 0.99 5.07
C PRO A 15 -0.90 1.44 3.94
N CYS A 16 -1.41 1.94 2.80
CA CYS A 16 -0.59 2.40 1.64
C CYS A 16 0.57 3.42 1.91
N SER A 17 0.40 4.35 2.86
CA SER A 17 1.53 5.19 3.39
C SER A 17 2.81 4.46 3.90
N THR A 18 2.64 3.22 4.38
CA THR A 18 3.72 2.32 4.86
C THR A 18 4.27 1.33 3.78
N CYS A 19 3.47 0.96 2.75
CA CYS A 19 3.94 0.18 1.57
C CYS A 19 4.96 1.01 0.70
N GLU A 20 4.66 2.30 0.46
CA GLU A 20 5.57 3.31 -0.12
C GLU A 20 6.41 2.98 -1.39
N GLY A 21 5.70 2.39 -2.35
CA GLY A 21 6.31 1.90 -3.60
C GLY A 21 6.42 0.36 -3.78
N ASN A 22 6.06 -0.45 -2.75
CA ASN A 22 6.01 -1.92 -2.88
C ASN A 22 4.63 -2.24 -3.44
N LEU A 23 4.61 -2.57 -4.71
CA LEU A 23 3.34 -2.75 -5.40
C LEU A 23 2.38 -3.88 -4.94
N ALA A 24 2.92 -4.90 -4.30
CA ALA A 24 2.15 -5.93 -3.58
C ALA A 24 1.52 -5.38 -2.25
N CYS A 25 2.31 -4.73 -1.37
CA CYS A 25 1.78 -4.01 -0.16
C CYS A 25 0.68 -2.95 -0.47
N LEU A 26 0.99 -2.11 -1.46
CA LEU A 26 0.07 -1.14 -2.07
C LEU A 26 -1.22 -1.73 -2.76
N SER A 27 -1.12 -2.92 -3.38
CA SER A 27 -2.30 -3.64 -3.95
C SER A 27 -3.30 -4.22 -2.88
N LEU A 28 -2.83 -4.59 -1.68
CA LEU A 28 -3.72 -4.99 -0.54
C LEU A 28 -4.45 -3.82 0.20
N CYS A 29 -3.86 -2.61 0.16
CA CYS A 29 -4.28 -1.50 0.98
C CYS A 29 -5.60 -0.71 0.70
N HIS A 30 -5.77 0.33 1.53
CA HIS A 30 -6.81 1.36 1.38
C HIS A 30 -6.14 2.58 0.64
N ILE A 31 -6.65 2.97 -0.53
CA ILE A 31 -6.08 4.09 -1.34
C ILE A 31 -6.85 5.43 -1.06
N GLU A 32 -8.19 5.47 -1.19
CA GLU A 32 -9.01 6.70 -0.95
C GLU A 32 -9.05 7.14 0.54
N VAL A 14 -3.13 -3.21 6.48
CA VAL A 14 -2.86 -2.84 5.06
C VAL A 14 -2.95 -1.28 4.77
N PRO A 15 -2.12 -0.35 5.33
CA PRO A 15 -2.15 1.09 4.95
C PRO A 15 -1.08 1.43 3.85
N CYS A 16 -1.51 2.03 2.72
CA CYS A 16 -0.60 2.47 1.61
C CYS A 16 0.56 3.45 1.98
N SER A 17 0.37 4.30 3.01
CA SER A 17 1.47 5.09 3.63
C SER A 17 2.76 4.31 4.06
N THR A 18 2.57 3.05 4.49
CA THR A 18 3.65 2.12 4.93
C THR A 18 4.19 1.14 3.82
N CYS A 19 3.51 1.01 2.66
CA CYS A 19 4.00 0.25 1.49
C CYS A 19 5.01 1.07 0.61
N GLU A 20 4.74 2.38 0.40
CA GLU A 20 5.65 3.37 -0.26
C GLU A 20 6.43 2.98 -1.54
N GLY A 21 5.67 2.43 -2.49
CA GLY A 21 6.24 1.92 -3.75
C GLY A 21 6.38 0.39 -3.89
N ASN A 22 6.06 -0.40 -2.86
CA ASN A 22 6.03 -1.88 -2.95
C ASN A 22 4.65 -2.22 -3.49
N LEU A 23 4.63 -2.59 -4.75
CA LEU A 23 3.36 -2.78 -5.44
C LEU A 23 2.38 -3.90 -4.95
N ALA A 24 2.95 -4.92 -4.31
CA ALA A 24 2.18 -5.92 -3.54
C ALA A 24 1.59 -5.35 -2.20
N CYS A 25 2.38 -4.68 -1.35
CA CYS A 25 1.87 -3.96 -0.15
C CYS A 25 0.76 -2.90 -0.45
N LEU A 26 1.04 -2.09 -1.46
CA LEU A 26 0.09 -1.16 -2.08
C LEU A 26 -1.18 -1.80 -2.73
N SER A 27 -1.07 -3.01 -3.32
CA SER A 27 -2.26 -3.80 -3.82
C SER A 27 -3.30 -4.22 -2.74
N LEU A 28 -2.81 -4.59 -1.54
CA LEU A 28 -3.67 -4.92 -0.36
C LEU A 28 -4.38 -3.72 0.32
N CYS A 29 -3.78 -2.53 0.23
CA CYS A 29 -4.27 -1.35 0.89
C CYS A 29 -5.57 -0.61 0.44
N HIS A 30 -5.86 0.43 1.22
CA HIS A 30 -6.98 1.38 0.97
C HIS A 30 -6.39 2.67 0.28
N ILE A 31 -5.77 3.62 1.01
CA ILE A 31 -5.25 4.89 0.45
C ILE A 31 -3.91 5.39 1.14
N GLU A 32 -3.15 6.26 0.45
CA GLU A 32 -1.92 6.89 1.00
C GLU A 32 -2.19 7.87 2.19
N VAL A 14 -0.17 -3.21 6.15
CA VAL A 14 -1.07 -3.09 4.96
C VAL A 14 -1.29 -1.65 4.38
N PRO A 15 -1.62 -0.56 5.14
CA PRO A 15 -1.89 0.81 4.59
C PRO A 15 -0.88 1.37 3.55
N CYS A 16 -1.38 2.01 2.48
CA CYS A 16 -0.57 2.51 1.35
C CYS A 16 0.57 3.52 1.68
N SER A 17 0.38 4.41 2.67
CA SER A 17 1.49 5.22 3.25
C SER A 17 2.71 4.43 3.85
N THR A 18 2.45 3.22 4.33
CA THR A 18 3.46 2.27 4.90
C THR A 18 4.05 1.26 3.86
N CYS A 19 3.32 0.91 2.78
CA CYS A 19 3.85 0.13 1.63
C CYS A 19 4.90 0.94 0.80
N GLU A 20 4.66 2.25 0.57
CA GLU A 20 5.62 3.24 0.02
C GLU A 20 6.44 2.90 -1.26
N GLY A 21 5.71 2.39 -2.25
CA GLY A 21 6.32 1.92 -3.51
C GLY A 21 6.41 0.39 -3.71
N ASN A 22 6.03 -0.44 -2.73
CA ASN A 22 5.97 -1.90 -2.89
C ASN A 22 4.61 -2.23 -3.46
N LEU A 23 4.60 -2.56 -4.74
CA LEU A 23 3.34 -2.73 -5.44
C LEU A 23 2.37 -3.87 -4.99
N ALA A 24 2.92 -4.90 -4.37
CA ALA A 24 2.16 -5.93 -3.64
C ALA A 24 1.50 -5.37 -2.32
N CYS A 25 2.27 -4.72 -1.43
CA CYS A 25 1.74 -4.01 -0.22
C CYS A 25 0.65 -2.95 -0.53
N LEU A 26 0.98 -2.08 -1.48
CA LEU A 26 0.08 -1.08 -2.08
C LEU A 26 -1.23 -1.64 -2.75
N SER A 27 -1.17 -2.84 -3.37
CA SER A 27 -2.38 -3.55 -3.90
C SER A 27 -3.32 -4.14 -2.78
N LEU A 28 -2.78 -4.59 -1.63
CA LEU A 28 -3.60 -4.99 -0.44
C LEU A 28 -4.24 -3.84 0.38
N CYS A 29 -3.67 -2.64 0.30
CA CYS A 29 -4.03 -1.53 1.15
C CYS A 29 -5.40 -0.79 1.07
N HIS A 30 -5.56 0.00 2.14
CA HIS A 30 -6.67 0.95 2.34
C HIS A 30 -6.13 2.34 1.87
N ILE A 31 -6.72 2.90 0.81
CA ILE A 31 -6.23 4.16 0.17
C ILE A 31 -7.07 5.37 0.73
N GLU A 32 -6.54 6.06 1.76
CA GLU A 32 -7.19 7.23 2.41
C GLU A 32 -8.58 6.93 3.07
N VAL A 14 -0.09 -3.28 6.04
CA VAL A 14 -1.07 -3.13 4.91
C VAL A 14 -1.28 -1.69 4.33
N PRO A 15 -1.57 -0.60 5.11
CA PRO A 15 -1.84 0.76 4.57
C PRO A 15 -0.86 1.33 3.50
N CYS A 16 -1.38 1.99 2.47
CA CYS A 16 -0.58 2.51 1.33
C CYS A 16 0.53 3.55 1.68
N SER A 17 0.28 4.44 2.65
CA SER A 17 1.36 5.28 3.29
C SER A 17 2.53 4.53 4.01
N THR A 18 2.35 3.24 4.29
CA THR A 18 3.37 2.34 4.91
C THR A 18 4.02 1.32 3.90
N CYS A 19 3.35 0.99 2.76
CA CYS A 19 3.92 0.18 1.66
C CYS A 19 5.04 0.93 0.86
N GLU A 20 4.82 2.24 0.57
CA GLU A 20 5.83 3.18 0.00
C GLU A 20 6.59 2.78 -1.30
N GLY A 21 5.80 2.38 -2.29
CA GLY A 21 6.34 1.90 -3.58
C GLY A 21 6.43 0.38 -3.81
N ASN A 22 6.03 -0.46 -2.83
CA ASN A 22 5.97 -1.92 -3.00
C ASN A 22 4.58 -2.22 -3.54
N LEU A 23 4.55 -2.56 -4.81
CA LEU A 23 3.26 -2.73 -5.48
C LEU A 23 2.32 -3.87 -5.01
N ALA A 24 2.89 -4.91 -4.40
CA ALA A 24 2.14 -5.94 -3.65
C ALA A 24 1.51 -5.37 -2.33
N CYS A 25 2.30 -4.72 -1.45
CA CYS A 25 1.78 -4.00 -0.24
C CYS A 25 0.69 -2.94 -0.53
N LEU A 26 1.00 -2.07 -1.49
CA LEU A 26 0.08 -1.08 -2.07
C LEU A 26 -1.23 -1.65 -2.73
N SER A 27 -1.18 -2.84 -3.36
CA SER A 27 -2.38 -3.55 -3.88
C SER A 27 -3.32 -4.15 -2.77
N LEU A 28 -2.79 -4.60 -1.62
CA LEU A 28 -3.61 -5.00 -0.44
C LEU A 28 -4.26 -3.85 0.39
N CYS A 29 -3.71 -2.64 0.27
CA CYS A 29 -4.06 -1.54 1.14
C CYS A 29 -5.43 -0.79 1.13
N HIS A 30 -5.54 -0.04 2.22
CA HIS A 30 -6.63 0.93 2.48
C HIS A 30 -6.08 2.33 2.04
N ILE A 31 -6.74 2.93 1.04
CA ILE A 31 -6.24 4.19 0.38
C ILE A 31 -6.83 5.54 0.94
N GLU A 32 -8.13 5.59 1.32
CA GLU A 32 -8.78 6.83 1.81
C GLU A 32 -8.33 7.27 3.24
N VAL A 14 -4.14 -2.77 6.58
CA VAL A 14 -3.63 -2.49 5.22
C VAL A 14 -3.44 -0.96 4.93
N PRO A 15 -2.41 -0.23 5.45
CA PRO A 15 -2.20 1.21 5.15
C PRO A 15 -1.15 1.48 4.01
N CYS A 16 -1.59 2.05 2.87
CA CYS A 16 -0.72 2.45 1.72
C CYS A 16 0.46 3.42 2.05
N SER A 17 0.31 4.32 3.04
CA SER A 17 1.44 5.13 3.62
C SER A 17 2.69 4.36 4.15
N THR A 18 2.55 3.07 4.43
CA THR A 18 3.65 2.17 4.90
C THR A 18 4.23 1.22 3.80
N CYS A 19 3.49 0.95 2.69
CA CYS A 19 4.00 0.18 1.52
C CYS A 19 5.06 0.98 0.67
N GLU A 20 4.83 2.27 0.44
CA GLU A 20 5.80 3.25 -0.14
C GLU A 20 6.50 2.87 -1.48
N GLY A 21 5.68 2.45 -2.44
CA GLY A 21 6.16 1.98 -3.75
C GLY A 21 6.30 0.45 -3.96
N ASN A 22 5.97 -0.38 -2.96
CA ASN A 22 5.94 -1.85 -3.10
C ASN A 22 4.54 -2.18 -3.60
N LEU A 23 4.48 -2.55 -4.86
CA LEU A 23 3.18 -2.72 -5.50
C LEU A 23 2.23 -3.86 -5.00
N ALA A 24 2.81 -4.89 -4.38
CA ALA A 24 2.05 -5.91 -3.63
C ALA A 24 1.50 -5.38 -2.26
N CYS A 25 2.33 -4.72 -1.42
CA CYS A 25 1.86 -3.99 -0.20
C CYS A 25 0.75 -2.95 -0.48
N LEU A 26 0.98 -2.15 -1.52
CA LEU A 26 0.03 -1.22 -2.12
C LEU A 26 -1.27 -1.84 -2.74
N SER A 27 -1.17 -3.05 -3.30
CA SER A 27 -2.37 -3.84 -3.73
C SER A 27 -3.23 -4.40 -2.55
N LEU A 28 -2.67 -4.58 -1.33
CA LEU A 28 -3.46 -4.90 -0.10
C LEU A 28 -4.23 -3.65 0.43
N CYS A 29 -3.57 -2.49 0.48
CA CYS A 29 -4.19 -1.23 0.83
C CYS A 29 -5.01 -0.52 -0.28
N HIS A 30 -5.62 0.58 0.17
CA HIS A 30 -6.43 1.49 -0.65
C HIS A 30 -5.53 2.71 -1.05
N ILE A 31 -5.36 2.96 -2.35
CA ILE A 31 -4.43 4.02 -2.85
C ILE A 31 -5.28 5.34 -3.06
N GLU A 32 -5.47 6.10 -1.97
CA GLU A 32 -6.30 7.32 -1.94
C GLU A 32 -5.45 8.60 -1.75
N VAL A 14 -0.12 -3.17 6.15
CA VAL A 14 -1.06 -3.05 4.99
C VAL A 14 -1.30 -1.60 4.40
N PRO A 15 -1.63 -0.52 5.15
CA PRO A 15 -1.91 0.84 4.61
C PRO A 15 -0.91 1.41 3.55
N CYS A 16 -1.43 2.07 2.52
CA CYS A 16 -0.62 2.58 1.38
C CYS A 16 0.51 3.60 1.75
N SER A 17 0.29 4.50 2.73
CA SER A 17 1.41 5.30 3.33
C SER A 17 2.58 4.51 4.04
N THR A 18 2.37 3.22 4.31
CA THR A 18 3.38 2.31 4.92
C THR A 18 4.01 1.29 3.89
N CYS A 19 3.35 0.98 2.74
CA CYS A 19 3.92 0.17 1.64
C CYS A 19 5.03 0.94 0.83
N GLU A 20 4.80 2.24 0.55
CA GLU A 20 5.80 3.19 -0.02
C GLU A 20 6.56 2.78 -1.32
N GLY A 21 5.78 2.37 -2.31
CA GLY A 21 6.33 1.88 -3.60
C GLY A 21 6.42 0.36 -3.82
N ASN A 22 6.03 -0.47 -2.84
CA ASN A 22 5.97 -1.93 -3.01
C ASN A 22 4.59 -2.24 -3.54
N LEU A 23 4.55 -2.55 -4.82
CA LEU A 23 3.27 -2.73 -5.50
C LEU A 23 2.32 -3.87 -5.03
N ALA A 24 2.88 -4.91 -4.42
CA ALA A 24 2.13 -5.94 -3.68
C ALA A 24 1.50 -5.38 -2.35
N CYS A 25 2.29 -4.74 -1.46
CA CYS A 25 1.78 -4.01 -0.25
C CYS A 25 0.68 -2.95 -0.55
N LEU A 26 1.00 -2.08 -1.50
CA LEU A 26 0.08 -1.10 -2.09
C LEU A 26 -1.24 -1.67 -2.75
N SER A 27 -1.18 -2.86 -3.36
CA SER A 27 -2.38 -3.58 -3.88
C SER A 27 -3.32 -4.17 -2.76
N LEU A 28 -2.77 -4.62 -1.61
CA LEU A 28 -3.57 -5.01 -0.41
C LEU A 28 -4.21 -3.85 0.40
N CYS A 29 -3.64 -2.66 0.29
CA CYS A 29 -4.00 -1.53 1.12
C CYS A 29 -5.38 -0.80 1.03
N HIS A 30 -5.54 0.01 2.08
CA HIS A 30 -6.64 0.97 2.26
C HIS A 30 -6.11 2.36 1.76
N ILE A 31 -6.84 3.02 0.86
CA ILE A 31 -6.36 4.32 0.24
C ILE A 31 -6.92 5.50 1.10
N GLU A 32 -6.05 5.99 2.00
CA GLU A 32 -6.37 7.08 2.96
C GLU A 32 -6.48 8.50 2.34
N VAL A 14 -3.09 -3.33 6.47
CA VAL A 14 -2.68 -2.99 5.09
C VAL A 14 -2.85 -1.45 4.79
N PRO A 15 -1.91 -0.54 5.19
CA PRO A 15 -1.99 0.91 4.87
C PRO A 15 -0.98 1.33 3.74
N CYS A 16 -1.47 1.94 2.65
CA CYS A 16 -0.61 2.43 1.52
C CYS A 16 0.50 3.47 1.89
N SER A 17 0.26 4.34 2.88
CA SER A 17 1.32 5.21 3.49
C SER A 17 2.58 4.50 4.09
N THR A 18 2.48 3.19 4.36
CA THR A 18 3.59 2.34 4.88
C THR A 18 4.21 1.36 3.81
N CYS A 19 3.49 1.03 2.71
CA CYS A 19 4.02 0.23 1.58
C CYS A 19 5.10 1.01 0.73
N GLU A 20 4.84 2.30 0.45
CA GLU A 20 5.81 3.27 -0.15
C GLU A 20 6.58 2.86 -1.44
N GLY A 21 5.81 2.37 -2.41
CA GLY A 21 6.35 1.87 -3.68
C GLY A 21 6.45 0.33 -3.87
N ASN A 22 6.06 -0.47 -2.87
CA ASN A 22 6.00 -1.94 -3.01
C ASN A 22 4.61 -2.24 -3.53
N LEU A 23 4.56 -2.59 -4.80
CA LEU A 23 3.27 -2.77 -5.47
C LEU A 23 2.31 -3.90 -4.97
N ALA A 24 2.87 -4.93 -4.35
CA ALA A 24 2.11 -5.95 -3.59
C ALA A 24 1.51 -5.37 -2.27
N CYS A 25 2.31 -4.72 -1.40
CA CYS A 25 1.82 -3.98 -0.19
C CYS A 25 0.72 -2.91 -0.47
N LEU A 26 1.01 -2.09 -1.46
CA LEU A 26 0.08 -1.12 -2.06
C LEU A 26 -1.22 -1.69 -2.72
N SER A 27 -1.15 -2.88 -3.33
CA SER A 27 -2.35 -3.60 -3.87
C SER A 27 -3.31 -4.20 -2.78
N LEU A 28 -2.79 -4.60 -1.60
CA LEU A 28 -3.64 -4.99 -0.43
C LEU A 28 -4.36 -3.82 0.29
N CYS A 29 -3.72 -2.64 0.31
CA CYS A 29 -4.19 -1.50 1.06
C CYS A 29 -5.51 -0.73 0.77
N HIS A 30 -5.78 0.17 1.72
CA HIS A 30 -6.87 1.17 1.64
C HIS A 30 -6.25 2.48 1.05
N ILE A 31 -6.71 2.90 -0.13
CA ILE A 31 -6.13 4.08 -0.86
C ILE A 31 -6.98 5.39 -0.61
N GLU A 32 -8.26 5.43 -1.02
CA GLU A 32 -9.13 6.63 -0.88
C GLU A 32 -10.63 6.27 -0.73
N VAL A 14 -3.86 -3.00 6.60
CA VAL A 14 -3.50 -2.75 5.18
C VAL A 14 -3.26 -1.22 4.90
N PRO A 15 -2.11 -0.56 5.28
CA PRO A 15 -1.91 0.90 5.07
C PRO A 15 -0.98 1.27 3.88
N CYS A 16 -1.51 1.92 2.82
CA CYS A 16 -0.73 2.44 1.66
C CYS A 16 0.40 3.47 2.03
N SER A 17 0.17 4.34 3.04
CA SER A 17 1.24 5.19 3.65
C SER A 17 2.47 4.46 4.31
N THR A 18 2.44 3.13 4.39
CA THR A 18 3.56 2.28 4.89
C THR A 18 4.17 1.32 3.80
N CYS A 19 3.52 1.11 2.64
CA CYS A 19 4.04 0.30 1.51
C CYS A 19 5.14 1.01 0.66
N GLU A 20 5.02 2.33 0.42
CA GLU A 20 6.04 3.21 -0.21
C GLU A 20 6.66 2.77 -1.57
N GLY A 21 5.77 2.42 -2.51
CA GLY A 21 6.18 1.92 -3.82
C GLY A 21 6.32 0.39 -4.01
N ASN A 22 6.00 -0.42 -2.98
CA ASN A 22 5.96 -1.89 -3.08
C ASN A 22 4.56 -2.20 -3.57
N LEU A 23 4.48 -2.56 -4.83
CA LEU A 23 3.19 -2.71 -5.47
C LEU A 23 2.23 -3.84 -4.96
N ALA A 24 2.79 -4.87 -4.35
CA ALA A 24 2.04 -5.89 -3.58
C ALA A 24 1.49 -5.34 -2.21
N CYS A 25 2.33 -4.67 -1.39
CA CYS A 25 1.87 -3.92 -0.17
C CYS A 25 0.74 -2.89 -0.45
N LEU A 26 0.98 -2.12 -1.50
CA LEU A 26 0.01 -1.20 -2.11
C LEU A 26 -1.28 -1.82 -2.74
N SER A 27 -1.18 -3.04 -3.28
CA SER A 27 -2.37 -3.84 -3.73
C SER A 27 -3.28 -4.36 -2.55
N LEU A 28 -2.73 -4.58 -1.34
CA LEU A 28 -3.53 -4.90 -0.12
C LEU A 28 -4.30 -3.67 0.43
N CYS A 29 -3.63 -2.50 0.46
CA CYS A 29 -4.25 -1.25 0.87
C CYS A 29 -5.11 -0.50 -0.19
N HIS A 30 -5.71 0.58 0.33
CA HIS A 30 -6.54 1.53 -0.43
C HIS A 30 -5.66 2.77 -0.82
N ILE A 31 -5.61 3.11 -2.11
CA ILE A 31 -4.71 4.18 -2.62
C ILE A 31 -5.45 5.58 -2.66
N GLU A 32 -5.53 6.21 -1.47
CA GLU A 32 -6.22 7.51 -1.27
C GLU A 32 -5.35 8.76 -1.63
N VAL A 14 -2.88 -3.28 6.53
CA VAL A 14 -2.48 -2.89 5.16
C VAL A 14 -2.76 -1.37 4.84
N PRO A 15 -2.02 -0.35 5.37
CA PRO A 15 -2.19 1.07 4.95
C PRO A 15 -1.15 1.48 3.86
N CYS A 16 -1.60 2.03 2.72
CA CYS A 16 -0.72 2.48 1.60
C CYS A 16 0.41 3.52 1.94
N SER A 17 0.18 4.42 2.91
CA SER A 17 1.27 5.27 3.51
C SER A 17 2.48 4.56 4.20
N THR A 18 2.46 3.23 4.30
CA THR A 18 3.57 2.40 4.84
C THR A 18 4.20 1.40 3.79
N CYS A 19 3.52 1.08 2.67
CA CYS A 19 4.07 0.24 1.58
C CYS A 19 5.20 0.92 0.73
N GLU A 20 5.10 2.25 0.50
CA GLU A 20 6.17 3.10 -0.11
C GLU A 20 6.79 2.68 -1.46
N GLY A 21 5.90 2.36 -2.41
CA GLY A 21 6.33 1.87 -3.75
C GLY A 21 6.42 0.35 -3.96
N ASN A 22 6.05 -0.47 -2.96
CA ASN A 22 5.98 -1.93 -3.10
C ASN A 22 4.58 -2.23 -3.60
N LEU A 23 4.52 -2.56 -4.88
CA LEU A 23 3.22 -2.72 -5.52
C LEU A 23 2.27 -3.86 -5.02
N ALA A 24 2.85 -4.90 -4.41
CA ALA A 24 2.12 -5.92 -3.65
C ALA A 24 1.52 -5.35 -2.32
N CYS A 25 2.33 -4.71 -1.44
CA CYS A 25 1.85 -3.97 -0.23
C CYS A 25 0.73 -2.91 -0.50
N LEU A 26 1.01 -2.08 -1.48
CA LEU A 26 0.07 -1.11 -2.06
C LEU A 26 -1.23 -1.70 -2.73
N SER A 27 -1.16 -2.88 -3.35
CA SER A 27 -2.36 -3.61 -3.87
C SER A 27 -3.28 -4.24 -2.77
N LEU A 28 -2.74 -4.63 -1.60
CA LEU A 28 -3.55 -5.04 -0.42
C LEU A 28 -4.29 -3.87 0.30
N CYS A 29 -3.65 -2.69 0.34
CA CYS A 29 -4.16 -1.55 1.07
C CYS A 29 -5.51 -0.85 0.78
N HIS A 30 -5.85 0.00 1.76
CA HIS A 30 -7.02 0.93 1.69
C HIS A 30 -6.45 2.32 1.23
N ILE A 31 -6.84 2.78 0.03
CA ILE A 31 -6.24 4.02 -0.60
C ILE A 31 -7.07 5.32 -0.31
N GLU A 32 -8.41 5.32 -0.50
CA GLU A 32 -9.31 6.49 -0.20
C GLU A 32 -9.18 7.63 -1.26
N VAL A 14 -4.11 -2.78 6.60
CA VAL A 14 -3.61 -2.52 5.24
C VAL A 14 -3.48 -0.98 4.92
N PRO A 15 -2.45 -0.21 5.43
CA PRO A 15 -2.28 1.22 5.09
C PRO A 15 -1.20 1.49 3.98
N CYS A 16 -1.62 2.08 2.85
CA CYS A 16 -0.73 2.47 1.71
C CYS A 16 0.47 3.42 2.05
N SER A 17 0.33 4.32 3.03
CA SER A 17 1.46 5.12 3.61
C SER A 17 2.70 4.34 4.19
N THR A 18 2.54 3.02 4.42
CA THR A 18 3.62 2.12 4.90
C THR A 18 4.22 1.18 3.79
N CYS A 19 3.51 0.94 2.67
CA CYS A 19 4.03 0.19 1.50
C CYS A 19 5.07 1.01 0.67
N GLU A 20 4.78 2.30 0.40
CA GLU A 20 5.72 3.29 -0.21
C GLU A 20 6.46 2.92 -1.52
N GLY A 21 5.67 2.42 -2.48
CA GLY A 21 6.20 1.94 -3.77
C GLY A 21 6.35 0.42 -3.97
N ASN A 22 5.99 -0.41 -2.96
CA ASN A 22 5.96 -1.88 -3.11
C ASN A 22 4.56 -2.21 -3.60
N LEU A 23 4.50 -2.56 -4.86
CA LEU A 23 3.21 -2.73 -5.50
C LEU A 23 2.25 -3.86 -5.01
N ALA A 24 2.82 -4.90 -4.40
CA ALA A 24 2.06 -5.92 -3.64
C ALA A 24 1.51 -5.39 -2.27
N CYS A 25 2.35 -4.74 -1.44
CA CYS A 25 1.89 -4.01 -0.21
C CYS A 25 0.77 -2.95 -0.48
N LEU A 26 1.02 -2.16 -1.52
CA LEU A 26 0.05 -1.23 -2.11
C LEU A 26 -1.25 -1.85 -2.72
N SER A 27 -1.16 -3.04 -3.32
CA SER A 27 -2.36 -3.84 -3.73
C SER A 27 -3.23 -4.40 -2.55
N LEU A 28 -2.66 -4.55 -1.33
CA LEU A 28 -3.45 -4.87 -0.10
C LEU A 28 -4.22 -3.62 0.44
N CYS A 29 -3.56 -2.46 0.48
CA CYS A 29 -4.18 -1.22 0.88
C CYS A 29 -5.08 -0.47 -0.16
N HIS A 30 -5.67 0.59 0.37
CA HIS A 30 -6.55 1.54 -0.36
C HIS A 30 -5.67 2.73 -0.85
N ILE A 31 -5.59 2.94 -2.17
CA ILE A 31 -4.70 3.98 -2.78
C ILE A 31 -5.49 5.32 -3.03
N GLU A 32 -6.57 5.31 -3.83
CA GLU A 32 -7.35 6.53 -4.17
C GLU A 32 -8.31 7.01 -3.05
N VAL A 14 -3.10 -3.20 6.51
CA VAL A 14 -2.72 -2.85 5.13
C VAL A 14 -2.87 -1.30 4.81
N PRO A 15 -2.02 -0.36 5.33
CA PRO A 15 -2.08 1.08 4.93
C PRO A 15 -1.02 1.45 3.84
N CYS A 16 -1.48 2.00 2.69
CA CYS A 16 -0.59 2.43 1.57
C CYS A 16 0.58 3.42 1.89
N SER A 17 0.41 4.33 2.87
CA SER A 17 1.53 5.15 3.44
C SER A 17 2.81 4.40 3.93
N THR A 18 2.62 3.16 4.40
CA THR A 18 3.70 2.25 4.87
C THR A 18 4.24 1.26 3.79
N CYS A 19 3.46 0.94 2.74
CA CYS A 19 3.94 0.17 1.56
C CYS A 19 4.96 0.99 0.69
N GLU A 20 4.68 2.30 0.48
CA GLU A 20 5.61 3.30 -0.11
C GLU A 20 6.43 2.95 -1.39
N GLY A 21 5.69 2.42 -2.36
CA GLY A 21 6.27 1.93 -3.62
C GLY A 21 6.39 0.40 -3.80
N ASN A 22 6.03 -0.41 -2.80
CA ASN A 22 5.99 -1.88 -2.94
C ASN A 22 4.60 -2.21 -3.48
N LEU A 23 4.59 -2.57 -4.74
CA LEU A 23 3.31 -2.75 -5.43
C LEU A 23 2.35 -3.89 -4.95
N ALA A 24 2.91 -4.91 -4.32
CA ALA A 24 2.15 -5.93 -3.58
C ALA A 24 1.51 -5.37 -2.26
N CYS A 25 2.30 -4.73 -1.37
CA CYS A 25 1.79 -4.00 -0.17
C CYS A 25 0.69 -2.94 -0.47
N LEU A 26 1.00 -2.10 -1.46
CA LEU A 26 0.07 -1.12 -2.05
C LEU A 26 -1.22 -1.71 -2.73
N SER A 27 -1.14 -2.89 -3.35
CA SER A 27 -2.33 -3.62 -3.89
C SER A 27 -3.29 -4.21 -2.79
N LEU A 28 -2.77 -4.61 -1.61
CA LEU A 28 -3.63 -5.00 -0.44
C LEU A 28 -4.33 -3.81 0.28
N CYS A 29 -3.70 -2.64 0.30
CA CYS A 29 -4.19 -1.48 1.00
C CYS A 29 -5.51 -0.75 0.59
N HIS A 30 -5.79 0.24 1.42
CA HIS A 30 -6.88 1.23 1.20
C HIS A 30 -6.21 2.45 0.46
N ILE A 31 -6.59 2.68 -0.80
CA ILE A 31 -5.93 3.70 -1.68
C ILE A 31 -6.74 5.04 -1.60
N GLU A 32 -6.27 5.98 -0.75
CA GLU A 32 -6.93 7.29 -0.55
C GLU A 32 -6.73 8.32 -1.71
N VAL A 14 -2.79 -3.41 6.48
CA VAL A 14 -2.45 -3.04 5.09
C VAL A 14 -2.73 -1.50 4.81
N PRO A 15 -1.83 -0.53 5.19
CA PRO A 15 -1.99 0.91 4.86
C PRO A 15 -1.00 1.36 3.72
N CYS A 16 -1.51 1.95 2.62
CA CYS A 16 -0.68 2.44 1.49
C CYS A 16 0.41 3.51 1.84
N SER A 17 0.14 4.44 2.78
CA SER A 17 1.21 5.32 3.36
C SER A 17 2.43 4.65 4.10
N THR A 18 2.41 3.32 4.24
CA THR A 18 3.51 2.50 4.82
C THR A 18 4.14 1.47 3.81
N CYS A 19 3.45 1.06 2.72
CA CYS A 19 4.01 0.20 1.65
C CYS A 19 5.16 0.88 0.81
N GLU A 20 5.07 2.20 0.59
CA GLU A 20 6.13 3.07 0.00
C GLU A 20 6.78 2.65 -1.36
N GLY A 21 5.91 2.35 -2.32
CA GLY A 21 6.34 1.89 -3.65
C GLY A 21 6.42 0.36 -3.89
N ASN A 22 6.05 -0.48 -2.90
CA ASN A 22 5.98 -1.94 -3.07
C ASN A 22 4.58 -2.23 -3.59
N LEU A 23 4.52 -2.54 -4.86
CA LEU A 23 3.23 -2.69 -5.52
C LEU A 23 2.28 -3.84 -5.04
N ALA A 24 2.85 -4.87 -4.45
CA ALA A 24 2.11 -5.91 -3.70
C ALA A 24 1.51 -5.37 -2.36
N CYS A 25 2.32 -4.73 -1.47
CA CYS A 25 1.84 -4.01 -0.26
C CYS A 25 0.72 -2.95 -0.51
N LEU A 26 1.02 -2.10 -1.49
CA LEU A 26 0.08 -1.12 -2.07
C LEU A 26 -1.22 -1.69 -2.75
N SER A 27 -1.15 -2.90 -3.34
CA SER A 27 -2.37 -3.61 -3.87
C SER A 27 -3.32 -4.17 -2.76
N LEU A 28 -2.79 -4.66 -1.62
CA LEU A 28 -3.62 -5.05 -0.43
C LEU A 28 -4.31 -3.89 0.34
N CYS A 29 -3.68 -2.72 0.35
CA CYS A 29 -4.10 -1.59 1.15
C CYS A 29 -5.44 -0.80 1.00
N HIS A 30 -5.62 0.03 2.03
CA HIS A 30 -6.66 1.08 2.11
C HIS A 30 -6.00 2.42 1.63
N ILE A 31 -6.68 3.22 0.80
CA ILE A 31 -6.09 4.48 0.22
C ILE A 31 -6.46 5.70 1.13
N GLU A 32 -5.43 6.34 1.71
CA GLU A 32 -5.60 7.46 2.66
C GLU A 32 -5.92 8.82 1.98
N VAL A 14 -0.04 -3.21 6.12
CA VAL A 14 -0.95 -3.10 4.95
C VAL A 14 -1.21 -1.66 4.36
N PRO A 15 -1.56 -0.58 5.13
CA PRO A 15 -1.87 0.77 4.59
C PRO A 15 -0.89 1.36 3.53
N CYS A 16 -1.42 2.01 2.50
CA CYS A 16 -0.61 2.54 1.35
C CYS A 16 0.49 3.60 1.70
N SER A 17 0.24 4.47 2.70
CA SER A 17 1.32 5.31 3.31
C SER A 17 2.52 4.56 3.98
N THR A 18 2.35 3.27 4.29
CA THR A 18 3.38 2.38 4.89
C THR A 18 4.00 1.35 3.89
N CYS A 19 3.33 0.99 2.77
CA CYS A 19 3.89 0.15 1.67
C CYS A 19 5.02 0.90 0.87
N GLU A 20 4.82 2.20 0.58
CA GLU A 20 5.84 3.14 0.04
C GLU A 20 6.59 2.74 -1.27
N GLY A 21 5.81 2.34 -2.27
CA GLY A 21 6.36 1.88 -3.55
C GLY A 21 6.43 0.36 -3.79
N ASN A 22 6.05 -0.48 -2.81
CA ASN A 22 5.99 -1.94 -2.99
C ASN A 22 4.60 -2.24 -3.54
N LEU A 23 4.57 -2.56 -4.81
CA LEU A 23 3.30 -2.71 -5.51
C LEU A 23 2.32 -3.84 -5.05
N ALA A 24 2.88 -4.89 -4.45
CA ALA A 24 2.12 -5.92 -3.72
C ALA A 24 1.50 -5.38 -2.38
N CYS A 25 2.29 -4.74 -1.49
CA CYS A 25 1.77 -4.03 -0.27
C CYS A 25 0.68 -2.96 -0.56
N LEU A 26 1.00 -2.09 -1.50
CA LEU A 26 0.09 -1.09 -2.09
C LEU A 26 -1.22 -1.65 -2.76
N SER A 27 -1.17 -2.86 -3.35
CA SER A 27 -2.39 -3.57 -3.87
C SER A 27 -3.34 -4.11 -2.75
N LEU A 28 -2.79 -4.63 -1.63
CA LEU A 28 -3.59 -5.03 -0.42
C LEU A 28 -4.22 -3.88 0.42
N CYS A 29 -3.64 -2.68 0.32
CA CYS A 29 -3.97 -1.56 1.17
C CYS A 29 -5.34 -0.80 1.13
N HIS A 30 -5.42 0.05 2.15
CA HIS A 30 -6.51 1.02 2.36
C HIS A 30 -6.03 2.39 1.76
N ILE A 31 -6.78 2.94 0.82
CA ILE A 31 -6.40 4.21 0.09
C ILE A 31 -7.00 5.49 0.78
N GLU A 32 -8.31 5.48 1.14
CA GLU A 32 -9.00 6.61 1.86
C GLU A 32 -9.30 7.83 0.94
N VAL A 14 -0.08 -3.35 5.96
CA VAL A 14 -1.04 -3.17 4.84
C VAL A 14 -1.30 -1.73 4.29
N PRO A 15 -1.55 -0.62 5.06
CA PRO A 15 -1.92 0.70 4.51
C PRO A 15 -0.89 1.34 3.53
N CYS A 16 -1.38 1.95 2.44
CA CYS A 16 -0.55 2.50 1.34
C CYS A 16 0.53 3.56 1.74
N SER A 17 0.25 4.44 2.73
CA SER A 17 1.31 5.29 3.36
C SER A 17 2.52 4.56 4.06
N THR A 18 2.38 3.25 4.30
CA THR A 18 3.42 2.38 4.89
C THR A 18 4.06 1.36 3.87
N CYS A 19 3.36 0.99 2.75
CA CYS A 19 3.94 0.17 1.65
C CYS A 19 5.04 0.93 0.83
N GLU A 20 4.82 2.24 0.56
CA GLU A 20 5.80 3.19 -0.01
C GLU A 20 6.58 2.79 -1.30
N GLY A 21 5.80 2.34 -2.29
CA GLY A 21 6.36 1.87 -3.57
C GLY A 21 6.46 0.35 -3.81
N ASN A 22 6.07 -0.50 -2.83
CA ASN A 22 6.00 -1.95 -3.00
C ASN A 22 4.62 -2.24 -3.56
N LEU A 23 4.59 -2.57 -4.83
CA LEU A 23 3.31 -2.72 -5.52
C LEU A 23 2.33 -3.83 -5.04
N ALA A 24 2.88 -4.89 -4.45
CA ALA A 24 2.10 -5.91 -3.71
C ALA A 24 1.53 -5.37 -2.36
N CYS A 25 2.33 -4.73 -1.48
CA CYS A 25 1.82 -4.03 -0.26
C CYS A 25 0.73 -2.96 -0.54
N LEU A 26 1.04 -2.10 -1.50
CA LEU A 26 0.10 -1.14 -2.09
C LEU A 26 -1.21 -1.74 -2.74
N SER A 27 -1.13 -2.94 -3.34
CA SER A 27 -2.33 -3.70 -3.85
C SER A 27 -3.36 -4.15 -2.75
N LEU A 28 -2.86 -4.59 -1.58
CA LEU A 28 -3.70 -4.98 -0.42
C LEU A 28 -4.33 -3.83 0.43
N CYS A 29 -3.80 -2.62 0.30
CA CYS A 29 -4.14 -1.51 1.15
C CYS A 29 -5.50 -0.74 1.09
N HIS A 30 -5.61 0.03 2.18
CA HIS A 30 -6.66 1.05 2.38
C HIS A 30 -6.00 2.43 1.96
N ILE A 31 -6.70 3.26 1.19
CA ILE A 31 -6.10 4.53 0.64
C ILE A 31 -6.44 5.72 1.61
N GLU A 32 -5.39 6.31 2.20
CA GLU A 32 -5.51 7.40 3.21
C GLU A 32 -5.87 8.78 2.57
N VAL A 14 -3.34 -3.10 6.58
CA VAL A 14 -2.96 -2.79 5.18
C VAL A 14 -3.04 -1.25 4.82
N PRO A 15 -2.20 -0.31 5.36
CA PRO A 15 -2.23 1.12 4.95
C PRO A 15 -1.16 1.46 3.84
N CYS A 16 -1.60 2.04 2.70
CA CYS A 16 -0.69 2.48 1.60
C CYS A 16 0.44 3.50 1.97
N SER A 17 0.22 4.39 2.95
CA SER A 17 1.30 5.23 3.57
C SER A 17 2.52 4.50 4.24
N THR A 18 2.48 3.18 4.33
CA THR A 18 3.59 2.32 4.86
C THR A 18 4.23 1.36 3.79
N CYS A 19 3.56 1.07 2.65
CA CYS A 19 4.10 0.26 1.54
C CYS A 19 5.22 0.95 0.70
N GLU A 20 5.10 2.28 0.47
CA GLU A 20 6.15 3.15 -0.15
C GLU A 20 6.77 2.72 -1.51
N GLY A 21 5.88 2.39 -2.45
CA GLY A 21 6.31 1.90 -3.78
C GLY A 21 6.41 0.38 -3.98
N ASN A 22 6.05 -0.44 -2.97
CA ASN A 22 6.00 -1.91 -3.12
C ASN A 22 4.59 -2.21 -3.61
N LEU A 23 4.51 -2.56 -4.87
CA LEU A 23 3.22 -2.73 -5.51
C LEU A 23 2.27 -3.87 -5.00
N ALA A 24 2.86 -4.91 -4.40
CA ALA A 24 2.12 -5.92 -3.62
C ALA A 24 1.53 -5.36 -2.28
N CYS A 25 2.35 -4.70 -1.43
CA CYS A 25 1.88 -3.96 -0.21
C CYS A 25 0.76 -2.90 -0.47
N LEU A 26 1.03 -2.07 -1.47
CA LEU A 26 0.07 -1.11 -2.04
C LEU A 26 -1.23 -1.71 -2.70
N SER A 27 -1.15 -2.90 -3.31
CA SER A 27 -2.36 -3.64 -3.82
C SER A 27 -3.27 -4.25 -2.72
N LEU A 28 -2.73 -4.63 -1.54
CA LEU A 28 -3.55 -5.02 -0.35
C LEU A 28 -4.31 -3.83 0.33
N CYS A 29 -3.73 -2.64 0.30
CA CYS A 29 -4.25 -1.48 0.97
C CYS A 29 -5.58 -0.79 0.54
N HIS A 30 -5.91 0.22 1.35
CA HIS A 30 -7.00 1.18 1.10
C HIS A 30 -6.29 2.40 0.40
N ILE A 31 -6.68 2.70 -0.84
CA ILE A 31 -5.98 3.74 -1.68
C ILE A 31 -6.75 5.09 -1.56
N GLU A 32 -6.05 6.15 -1.11
CA GLU A 32 -6.62 7.49 -0.84
C GLU A 32 -5.67 8.65 -1.23
N VAL A 14 -4.05 -2.81 6.57
CA VAL A 14 -3.56 -2.54 5.21
C VAL A 14 -3.34 -0.99 4.92
N PRO A 15 -2.29 -0.29 5.45
CA PRO A 15 -2.06 1.16 5.15
C PRO A 15 -1.00 1.43 4.01
N CYS A 16 -1.47 1.99 2.88
CA CYS A 16 -0.63 2.39 1.72
C CYS A 16 0.57 3.35 2.00
N SER A 17 0.44 4.28 2.97
CA SER A 17 1.59 5.08 3.51
C SER A 17 2.85 4.30 3.99
N THR A 18 2.65 3.07 4.45
CA THR A 18 3.73 2.15 4.90
C THR A 18 4.26 1.17 3.77
N CYS A 19 3.46 0.88 2.73
CA CYS A 19 3.91 0.15 1.52
C CYS A 19 4.90 1.01 0.65
N GLU A 20 4.58 2.31 0.44
CA GLU A 20 5.47 3.34 -0.15
C GLU A 20 6.28 3.03 -1.44
N GLY A 21 5.56 2.46 -2.39
CA GLY A 21 6.14 1.98 -3.66
C GLY A 21 6.29 0.45 -3.84
N ASN A 22 5.97 -0.37 -2.82
CA ASN A 22 5.95 -1.84 -2.96
C ASN A 22 4.57 -2.18 -3.49
N LEU A 23 4.54 -2.55 -4.75
CA LEU A 23 3.27 -2.73 -5.43
C LEU A 23 2.30 -3.86 -4.97
N ALA A 24 2.85 -4.88 -4.32
CA ALA A 24 2.09 -5.91 -3.59
C ALA A 24 1.49 -5.38 -2.23
N CYS A 25 2.30 -4.73 -1.37
CA CYS A 25 1.80 -4.01 -0.15
C CYS A 25 0.69 -2.95 -0.46
N LEU A 26 0.97 -2.17 -1.49
CA LEU A 26 0.02 -1.24 -2.12
C LEU A 26 -1.26 -1.86 -2.76
N SER A 27 -1.16 -3.06 -3.34
CA SER A 27 -2.34 -3.84 -3.78
C SER A 27 -3.24 -4.40 -2.61
N LEU A 28 -2.71 -4.55 -1.38
CA LEU A 28 -3.52 -4.86 -0.16
C LEU A 28 -4.29 -3.62 0.37
N CYS A 29 -3.61 -2.47 0.43
CA CYS A 29 -4.22 -1.21 0.83
C CYS A 29 -5.06 -0.43 -0.25
N HIS A 30 -5.61 0.67 0.27
CA HIS A 30 -6.40 1.67 -0.50
C HIS A 30 -5.44 2.84 -0.88
N ILE A 31 -5.41 3.28 -2.15
CA ILE A 31 -4.40 4.28 -2.61
C ILE A 31 -4.96 5.74 -2.42
N GLU A 32 -4.55 6.35 -1.29
CA GLU A 32 -4.94 7.72 -0.90
C GLU A 32 -4.27 8.86 -1.73
N VAL A 14 -3.44 -2.99 6.62
CA VAL A 14 -3.07 -2.81 5.19
C VAL A 14 -2.97 -1.29 4.79
N PRO A 15 -1.93 -0.47 5.19
CA PRO A 15 -1.88 0.98 4.86
C PRO A 15 -0.91 1.33 3.68
N CYS A 16 -1.42 1.95 2.60
CA CYS A 16 -0.59 2.42 1.45
C CYS A 16 0.51 3.47 1.80
N SER A 17 0.26 4.39 2.76
CA SER A 17 1.34 5.24 3.37
C SER A 17 2.58 4.53 4.00
N THR A 18 2.44 3.23 4.32
CA THR A 18 3.52 2.37 4.86
C THR A 18 4.12 1.34 3.83
N CYS A 19 3.40 1.01 2.72
CA CYS A 19 3.94 0.19 1.61
C CYS A 19 5.05 0.94 0.80
N GLU A 20 4.83 2.24 0.51
CA GLU A 20 5.84 3.19 -0.05
C GLU A 20 6.60 2.80 -1.34
N GLY A 21 5.82 2.37 -2.34
CA GLY A 21 6.37 1.88 -3.62
C GLY A 21 6.46 0.35 -3.82
N ASN A 22 6.05 -0.47 -2.84
CA ASN A 22 5.98 -1.94 -2.99
C ASN A 22 4.59 -2.21 -3.53
N LEU A 23 4.55 -2.57 -4.80
CA LEU A 23 3.27 -2.72 -5.48
C LEU A 23 2.30 -3.84 -4.98
N ALA A 24 2.86 -4.90 -4.40
CA ALA A 24 2.10 -5.92 -3.64
C ALA A 24 1.48 -5.40 -2.30
N CYS A 25 2.25 -4.68 -1.47
CA CYS A 25 1.75 -3.96 -0.25
C CYS A 25 0.69 -2.86 -0.54
N LEU A 26 0.99 -2.04 -1.53
CA LEU A 26 0.07 -1.05 -2.12
C LEU A 26 -1.25 -1.64 -2.76
N SER A 27 -1.18 -2.83 -3.40
CA SER A 27 -2.37 -3.58 -3.88
C SER A 27 -3.32 -4.13 -2.76
N LEU A 28 -2.76 -4.60 -1.62
CA LEU A 28 -3.56 -5.01 -0.43
C LEU A 28 -4.20 -3.89 0.43
N CYS A 29 -3.72 -2.64 0.31
CA CYS A 29 -4.19 -1.53 1.10
C CYS A 29 -5.55 -0.80 0.80
N HIS A 30 -5.84 0.14 1.72
CA HIS A 30 -6.90 1.16 1.55
C HIS A 30 -6.15 2.44 1.01
N ILE A 31 -6.73 3.21 0.07
CA ILE A 31 -6.03 4.40 -0.51
C ILE A 31 -6.44 5.69 0.29
N GLU A 32 -5.72 5.94 1.40
CA GLU A 32 -5.92 7.10 2.30
C GLU A 32 -4.93 8.25 2.00
N VAL A 14 -0.78 -3.59 6.00
CA VAL A 14 -1.19 -3.19 4.63
C VAL A 14 -1.39 -1.69 4.21
N PRO A 15 -1.63 -0.63 5.04
CA PRO A 15 -1.87 0.77 4.56
C PRO A 15 -0.87 1.35 3.51
N CYS A 16 -1.39 2.01 2.46
CA CYS A 16 -0.58 2.52 1.33
C CYS A 16 0.57 3.52 1.68
N SER A 17 0.38 4.41 2.68
CA SER A 17 1.48 5.21 3.28
C SER A 17 2.70 4.41 3.87
N THR A 18 2.42 3.20 4.36
CA THR A 18 3.44 2.25 4.92
C THR A 18 4.04 1.24 3.87
N CYS A 19 3.32 0.92 2.77
CA CYS A 19 3.85 0.14 1.63
C CYS A 19 4.93 0.93 0.81
N GLU A 20 4.71 2.25 0.60
CA GLU A 20 5.70 3.22 0.04
C GLU A 20 6.48 2.88 -1.26
N GLY A 21 5.72 2.41 -2.24
CA GLY A 21 6.28 1.95 -3.53
C GLY A 21 6.39 0.42 -3.74
N ASN A 22 6.01 -0.41 -2.74
CA ASN A 22 5.97 -1.88 -2.90
C ASN A 22 4.60 -2.20 -3.47
N LEU A 23 4.58 -2.54 -4.74
CA LEU A 23 3.31 -2.72 -5.44
C LEU A 23 2.35 -3.87 -4.99
N ALA A 24 2.92 -4.89 -4.37
CA ALA A 24 2.16 -5.92 -3.62
C ALA A 24 1.51 -5.37 -2.31
N CYS A 25 2.28 -4.71 -1.43
CA CYS A 25 1.75 -3.99 -0.22
C CYS A 25 0.66 -2.93 -0.53
N LEU A 26 0.98 -2.06 -1.48
CA LEU A 26 0.07 -1.08 -2.09
C LEU A 26 -1.24 -1.65 -2.74
N SER A 27 -1.17 -2.85 -3.35
CA SER A 27 -2.38 -3.58 -3.85
C SER A 27 -3.31 -4.16 -2.73
N LEU A 28 -2.77 -4.59 -1.57
CA LEU A 28 -3.58 -4.99 -0.37
C LEU A 28 -4.21 -3.82 0.45
N CYS A 29 -3.69 -2.61 0.28
CA CYS A 29 -4.06 -1.47 1.09
C CYS A 29 -5.44 -0.76 0.95
N HIS A 30 -5.64 0.07 1.98
CA HIS A 30 -6.75 1.04 2.06
C HIS A 30 -6.16 2.42 1.60
N ILE A 31 -6.74 2.98 0.54
CA ILE A 31 -6.25 4.21 -0.13
C ILE A 31 -6.89 5.58 0.30
N GLU A 32 -8.16 5.61 0.76
CA GLU A 32 -8.87 6.84 1.15
C GLU A 32 -8.36 7.49 2.50
N VAL A 14 -0.75 -3.66 5.95
CA VAL A 14 -1.21 -3.25 4.60
C VAL A 14 -1.38 -1.75 4.17
N PRO A 15 -1.60 -0.69 5.01
CA PRO A 15 -1.84 0.71 4.56
C PRO A 15 -0.86 1.29 3.49
N CYS A 16 -1.39 1.97 2.46
CA CYS A 16 -0.59 2.51 1.33
C CYS A 16 0.51 3.57 1.72
N SER A 17 0.26 4.42 2.73
CA SER A 17 1.31 5.25 3.37
C SER A 17 2.54 4.50 4.01
N THR A 18 2.35 3.21 4.33
CA THR A 18 3.41 2.31 4.91
C THR A 18 4.03 1.31 3.88
N CYS A 19 3.36 1.00 2.74
CA CYS A 19 3.92 0.18 1.63
C CYS A 19 5.05 0.92 0.83
N GLU A 20 4.84 2.23 0.56
CA GLU A 20 5.87 3.18 0.02
C GLU A 20 6.61 2.78 -1.29
N GLY A 21 5.81 2.40 -2.29
CA GLY A 21 6.34 1.92 -3.58
C GLY A 21 6.43 0.40 -3.81
N ASN A 22 6.03 -0.43 -2.83
CA ASN A 22 5.97 -1.90 -3.00
C ASN A 22 4.58 -2.21 -3.55
N LEU A 23 4.55 -2.55 -4.81
CA LEU A 23 3.26 -2.73 -5.48
C LEU A 23 2.31 -3.86 -4.99
N ALA A 24 2.88 -4.90 -4.39
CA ALA A 24 2.14 -5.93 -3.64
C ALA A 24 1.51 -5.37 -2.31
N CYS A 25 2.30 -4.70 -1.44
CA CYS A 25 1.78 -3.97 -0.24
C CYS A 25 0.68 -2.92 -0.53
N LEU A 26 1.00 -2.05 -1.49
CA LEU A 26 0.07 -1.08 -2.09
C LEU A 26 -1.24 -1.66 -2.74
N SER A 27 -1.18 -2.88 -3.32
CA SER A 27 -2.39 -3.61 -3.82
C SER A 27 -3.34 -4.15 -2.69
N LEU A 28 -2.78 -4.63 -1.55
CA LEU A 28 -3.59 -5.00 -0.35
C LEU A 28 -4.24 -3.84 0.47
N CYS A 29 -3.73 -2.62 0.28
CA CYS A 29 -4.11 -1.47 1.07
C CYS A 29 -5.47 -0.75 0.90
N HIS A 30 -5.67 0.11 1.90
CA HIS A 30 -6.78 1.09 1.95
C HIS A 30 -6.20 2.47 1.45
N ILE A 31 -6.77 3.01 0.36
CA ILE A 31 -6.27 4.27 -0.26
C ILE A 31 -7.16 5.45 0.27
N GLU A 32 -6.66 6.18 1.28
CA GLU A 32 -7.37 7.31 1.96
C GLU A 32 -8.80 6.98 2.53
N VAL A 14 -0.65 -3.60 5.93
CA VAL A 14 -1.08 -3.20 4.57
C VAL A 14 -1.34 -1.70 4.16
N PRO A 15 -1.61 -0.66 5.00
CA PRO A 15 -1.88 0.74 4.54
C PRO A 15 -0.89 1.35 3.50
N CYS A 16 -1.42 2.02 2.47
CA CYS A 16 -0.60 2.56 1.35
C CYS A 16 0.52 3.58 1.74
N SER A 17 0.27 4.45 2.74
CA SER A 17 1.35 5.26 3.39
C SER A 17 2.53 4.49 4.08
N THR A 18 2.35 3.18 4.33
CA THR A 18 3.37 2.28 4.92
C THR A 18 4.02 1.28 3.88
N CYS A 19 3.35 0.98 2.73
CA CYS A 19 3.92 0.18 1.62
C CYS A 19 5.02 0.96 0.81
N GLU A 20 4.78 2.25 0.52
CA GLU A 20 5.76 3.22 -0.06
C GLU A 20 6.54 2.82 -1.33
N GLY A 21 5.77 2.37 -2.33
CA GLY A 21 6.34 1.88 -3.60
C GLY A 21 6.43 0.35 -3.82
N ASN A 22 6.03 -0.47 -2.83
CA ASN A 22 5.98 -1.94 -2.99
C ASN A 22 4.59 -2.24 -3.54
N LEU A 23 4.55 -2.58 -4.81
CA LEU A 23 3.28 -2.75 -5.48
C LEU A 23 2.32 -3.89 -5.00
N ALA A 24 2.89 -4.93 -4.41
CA ALA A 24 2.14 -5.95 -3.65
C ALA A 24 1.50 -5.38 -2.33
N CYS A 25 2.29 -4.73 -1.45
CA CYS A 25 1.77 -4.01 -0.25
C CYS A 25 0.68 -2.94 -0.54
N LEU A 26 0.99 -2.07 -1.49
CA LEU A 26 0.07 -1.09 -2.10
C LEU A 26 -1.24 -1.67 -2.75
N SER A 27 -1.18 -2.87 -3.35
CA SER A 27 -2.39 -3.59 -3.85
C SER A 27 -3.33 -4.16 -2.73
N LEU A 28 -2.78 -4.61 -1.58
CA LEU A 28 -3.58 -4.99 -0.37
C LEU A 28 -4.19 -3.82 0.45
N CYS A 29 -3.67 -2.61 0.26
CA CYS A 29 -4.00 -1.47 1.08
C CYS A 29 -5.36 -0.72 1.02
N HIS A 30 -5.55 0.01 2.12
CA HIS A 30 -6.65 0.98 2.30
C HIS A 30 -6.06 2.40 2.01
N ILE A 31 -6.64 3.12 1.04
CA ILE A 31 -6.11 4.47 0.60
C ILE A 31 -6.94 5.57 1.33
N GLU A 32 -6.46 6.03 2.50
CA GLU A 32 -7.13 7.05 3.33
C GLU A 32 -6.08 7.93 4.06
N VAL A 14 -4.06 -2.78 6.57
CA VAL A 14 -3.64 -2.52 5.17
C VAL A 14 -3.35 -1.00 4.90
N PRO A 15 -2.20 -0.37 5.34
CA PRO A 15 -1.95 1.08 5.14
C PRO A 15 -0.98 1.40 3.96
N CYS A 16 -1.50 2.01 2.87
CA CYS A 16 -0.69 2.45 1.69
C CYS A 16 0.49 3.44 1.97
N SER A 17 0.36 4.32 2.98
CA SER A 17 1.51 5.13 3.53
C SER A 17 2.78 4.33 3.99
N THR A 18 2.57 3.11 4.48
CA THR A 18 3.63 2.17 4.94
C THR A 18 4.16 1.18 3.83
N CYS A 19 3.39 0.92 2.75
CA CYS A 19 3.87 0.16 1.56
C CYS A 19 4.92 0.95 0.69
N GLU A 20 4.77 2.29 0.58
CA GLU A 20 5.77 3.23 0.00
C GLU A 20 6.43 2.94 -1.38
N GLY A 21 5.59 2.47 -2.31
CA GLY A 21 6.06 2.03 -3.64
C GLY A 21 6.22 0.51 -3.87
N ASN A 22 5.92 -0.33 -2.87
CA ASN A 22 5.92 -1.79 -3.02
C ASN A 22 4.54 -2.15 -3.55
N LEU A 23 4.50 -2.53 -4.80
CA LEU A 23 3.21 -2.71 -5.47
C LEU A 23 2.26 -3.85 -4.98
N ALA A 24 2.83 -4.87 -4.34
CA ALA A 24 2.09 -5.90 -3.60
C ALA A 24 1.52 -5.39 -2.23
N CYS A 25 2.33 -4.71 -1.39
CA CYS A 25 1.84 -4.01 -0.17
C CYS A 25 0.71 -2.96 -0.47
N LEU A 26 0.97 -2.17 -1.52
CA LEU A 26 0.01 -1.26 -2.14
C LEU A 26 -1.27 -1.89 -2.78
N SER A 27 -1.15 -3.12 -3.31
CA SER A 27 -2.35 -3.92 -3.74
C SER A 27 -3.25 -4.41 -2.54
N LEU A 28 -2.69 -4.61 -1.33
CA LEU A 28 -3.49 -4.87 -0.10
C LEU A 28 -4.25 -3.61 0.41
N CYS A 29 -3.56 -2.46 0.45
CA CYS A 29 -4.15 -1.19 0.82
C CYS A 29 -4.90 -0.39 -0.29
N HIS A 30 -5.44 0.74 0.17
CA HIS A 30 -6.25 1.67 -0.63
C HIS A 30 -5.54 3.05 -0.73
N ILE A 31 -5.79 4.01 0.19
CA ILE A 31 -5.13 5.36 0.20
C ILE A 31 -4.71 5.70 1.67
N GLU A 32 -3.39 5.88 1.91
CA GLU A 32 -2.81 6.29 3.23
C GLU A 32 -2.98 5.27 4.41
N VAL A 14 -1.94 -3.61 4.87
CA VAL A 14 -3.07 -2.75 4.39
C VAL A 14 -2.98 -1.17 4.46
N PRO A 15 -2.07 -0.45 5.17
CA PRO A 15 -1.96 1.04 5.06
C PRO A 15 -0.95 1.44 3.92
N CYS A 16 -1.45 1.96 2.78
CA CYS A 16 -0.60 2.41 1.64
C CYS A 16 0.54 3.44 1.96
N SER A 17 0.33 4.36 2.92
CA SER A 17 1.43 5.21 3.50
C SER A 17 2.68 4.49 4.12
N THR A 18 2.57 3.18 4.36
CA THR A 18 3.65 2.32 4.88
C THR A 18 4.28 1.35 3.79
N CYS A 19 3.54 1.01 2.70
CA CYS A 19 4.06 0.23 1.56
C CYS A 19 5.11 1.03 0.71
N GLU A 20 4.83 2.32 0.42
CA GLU A 20 5.76 3.30 -0.19
C GLU A 20 6.54 2.89 -1.48
N GLY A 21 5.77 2.39 -2.44
CA GLY A 21 6.32 1.88 -3.71
C GLY A 21 6.43 0.36 -3.88
N ASN A 22 6.06 -0.46 -2.88
CA ASN A 22 6.00 -1.93 -3.01
C ASN A 22 4.61 -2.24 -3.53
N LEU A 23 4.56 -2.59 -4.79
CA LEU A 23 3.26 -2.77 -5.45
C LEU A 23 2.31 -3.91 -4.95
N ALA A 24 2.89 -4.93 -4.34
CA ALA A 24 2.14 -5.95 -3.57
C ALA A 24 1.52 -5.38 -2.24
N CYS A 25 2.33 -4.72 -1.38
CA CYS A 25 1.84 -3.98 -0.17
C CYS A 25 0.73 -2.92 -0.45
N LEU A 26 1.00 -2.10 -1.46
CA LEU A 26 0.07 -1.14 -2.04
C LEU A 26 -1.22 -1.74 -2.72
N SER A 27 -1.14 -2.92 -3.36
CA SER A 27 -2.33 -3.65 -3.90
C SER A 27 -3.30 -4.23 -2.81
N LEU A 28 -2.80 -4.60 -1.62
CA LEU A 28 -3.67 -4.99 -0.46
C LEU A 28 -4.42 -3.82 0.24
N CYS A 29 -3.87 -2.61 0.17
CA CYS A 29 -4.34 -1.48 0.92
C CYS A 29 -5.65 -0.72 0.52
N HIS A 30 -5.89 0.34 1.29
CA HIS A 30 -6.92 1.36 1.01
C HIS A 30 -6.15 2.48 0.22
N ILE A 31 -6.62 2.86 -0.98
CA ILE A 31 -5.88 3.82 -1.86
C ILE A 31 -6.43 5.27 -1.61
N GLU A 32 -5.58 6.14 -1.01
CA GLU A 32 -5.95 7.52 -0.62
C GLU A 32 -6.05 8.48 -1.85
N VAL A 14 -3.31 -3.17 6.46
CA VAL A 14 -2.93 -2.91 5.05
C VAL A 14 -2.88 -1.37 4.73
N PRO A 15 -1.85 -0.56 5.15
CA PRO A 15 -1.80 0.90 4.87
C PRO A 15 -0.85 1.30 3.70
N CYS A 16 -1.37 1.96 2.66
CA CYS A 16 -0.55 2.45 1.51
C CYS A 16 0.60 3.46 1.83
N SER A 17 0.42 4.36 2.81
CA SER A 17 1.53 5.19 3.39
C SER A 17 2.80 4.43 3.92
N THR A 18 2.59 3.21 4.39
CA THR A 18 3.66 2.29 4.90
C THR A 18 4.21 1.28 3.82
N CYS A 19 3.43 0.93 2.77
CA CYS A 19 3.92 0.17 1.60
C CYS A 19 4.93 1.00 0.73
N GLU A 20 4.63 2.29 0.50
CA GLU A 20 5.56 3.31 -0.07
C GLU A 20 6.39 2.98 -1.35
N GLY A 21 5.68 2.41 -2.32
CA GLY A 21 6.28 1.92 -3.57
C GLY A 21 6.39 0.40 -3.76
N ASN A 22 6.02 -0.42 -2.75
CA ASN A 22 5.97 -1.89 -2.90
C ASN A 22 4.60 -2.22 -3.44
N LEU A 23 4.58 -2.56 -4.71
CA LEU A 23 3.31 -2.74 -5.41
C LEU A 23 2.34 -3.88 -4.94
N ALA A 24 2.90 -4.90 -4.31
CA ALA A 24 2.14 -5.93 -3.58
C ALA A 24 1.50 -5.37 -2.25
N CYS A 25 2.29 -4.71 -1.37
CA CYS A 25 1.78 -4.00 -0.16
C CYS A 25 0.68 -2.93 -0.45
N LEU A 26 0.98 -2.10 -1.44
CA LEU A 26 0.06 -1.11 -2.03
C LEU A 26 -1.23 -1.70 -2.71
N SER A 27 -1.15 -2.88 -3.33
CA SER A 27 -2.34 -3.62 -3.86
C SER A 27 -3.30 -4.21 -2.76
N LEU A 28 -2.78 -4.58 -1.58
CA LEU A 28 -3.62 -4.96 -0.39
C LEU A 28 -4.36 -3.78 0.29
N CYS A 29 -3.75 -2.59 0.28
CA CYS A 29 -4.25 -1.42 0.97
C CYS A 29 -5.57 -0.71 0.52
N HIS A 30 -5.85 0.33 1.32
CA HIS A 30 -6.92 1.31 1.06
C HIS A 30 -6.23 2.53 0.34
N ILE A 31 -6.60 2.77 -0.93
CA ILE A 31 -5.94 3.83 -1.77
C ILE A 31 -6.80 5.14 -1.76
N GLU A 32 -7.98 5.15 -2.40
CA GLU A 32 -8.89 6.31 -2.48
C GLU A 32 -9.98 6.30 -1.36
N VAL A 14 -2.01 -3.64 4.92
CA VAL A 14 -3.11 -2.76 4.41
C VAL A 14 -3.01 -1.18 4.47
N PRO A 15 -2.10 -0.45 5.18
CA PRO A 15 -1.99 1.02 5.07
C PRO A 15 -0.97 1.43 3.94
N CYS A 16 -1.46 1.94 2.79
CA CYS A 16 -0.61 2.41 1.65
C CYS A 16 0.52 3.45 1.97
N SER A 17 0.31 4.35 2.95
CA SER A 17 1.39 5.19 3.53
C SER A 17 2.67 4.48 4.09
N THR A 18 2.56 3.18 4.37
CA THR A 18 3.66 2.31 4.87
C THR A 18 4.27 1.36 3.77
N CYS A 19 3.53 1.02 2.70
CA CYS A 19 4.04 0.23 1.55
C CYS A 19 5.11 1.01 0.70
N GLU A 20 4.85 2.30 0.42
CA GLU A 20 5.82 3.27 -0.17
C GLU A 20 6.57 2.87 -1.47
N GLY A 21 5.78 2.41 -2.44
CA GLY A 21 6.31 1.90 -3.72
C GLY A 21 6.42 0.37 -3.90
N ASN A 22 6.05 -0.44 -2.89
CA ASN A 22 6.00 -1.91 -3.02
C ASN A 22 4.61 -2.22 -3.53
N LEU A 23 4.56 -2.60 -4.79
CA LEU A 23 3.27 -2.78 -5.45
C LEU A 23 2.33 -3.91 -4.95
N ALA A 24 2.89 -4.94 -4.33
CA ALA A 24 2.14 -5.95 -3.56
C ALA A 24 1.54 -5.38 -2.24
N CYS A 25 2.34 -4.72 -1.38
CA CYS A 25 1.85 -3.97 -0.18
C CYS A 25 0.73 -2.92 -0.46
N LEU A 26 1.01 -2.10 -1.48
CA LEU A 26 0.07 -1.15 -2.07
C LEU A 26 -1.22 -1.76 -2.73
N SER A 27 -1.13 -2.94 -3.37
CA SER A 27 -2.33 -3.67 -3.90
C SER A 27 -3.30 -4.24 -2.79
N LEU A 28 -2.79 -4.60 -1.61
CA LEU A 28 -3.65 -4.97 -0.43
C LEU A 28 -4.42 -3.80 0.24
N CYS A 29 -3.87 -2.59 0.18
CA CYS A 29 -4.34 -1.45 0.93
C CYS A 29 -5.64 -0.68 0.51
N HIS A 30 -5.84 0.41 1.24
CA HIS A 30 -6.87 1.45 0.94
C HIS A 30 -6.13 2.59 0.18
N ILE A 31 -6.51 2.88 -1.07
CA ILE A 31 -5.83 3.91 -1.91
C ILE A 31 -6.63 5.26 -1.81
N GLU A 32 -6.32 6.08 -0.78
CA GLU A 32 -7.00 7.37 -0.52
C GLU A 32 -6.37 8.56 -1.32
N VAL A 14 -4.11 -3.21 5.70
CA VAL A 14 -2.88 -2.75 4.99
C VAL A 14 -2.96 -1.20 4.69
N PRO A 15 -2.13 -0.30 5.29
CA PRO A 15 -2.15 1.15 4.92
C PRO A 15 -1.07 1.48 3.83
N CYS A 16 -1.50 2.06 2.69
CA CYS A 16 -0.61 2.48 1.57
C CYS A 16 0.56 3.48 1.93
N SER A 17 0.35 4.38 2.90
CA SER A 17 1.45 5.20 3.52
C SER A 17 2.65 4.45 4.18
N THR A 18 2.55 3.12 4.33
CA THR A 18 3.63 2.24 4.86
C THR A 18 4.25 1.29 3.78
N CYS A 19 3.52 0.94 2.70
CA CYS A 19 4.03 0.18 1.54
C CYS A 19 5.06 1.01 0.69
N GLU A 20 4.72 2.28 0.38
CA GLU A 20 5.62 3.31 -0.21
C GLU A 20 6.46 2.97 -1.47
N GLY A 21 5.78 2.32 -2.41
CA GLY A 21 6.41 1.81 -3.65
C GLY A 21 6.49 0.28 -3.85
N ASN A 22 6.08 -0.53 -2.86
CA ASN A 22 6.00 -1.99 -3.01
C ASN A 22 4.60 -2.27 -3.54
N LEU A 23 4.55 -2.62 -4.80
CA LEU A 23 3.26 -2.76 -5.47
C LEU A 23 2.29 -3.89 -4.99
N ALA A 24 2.85 -4.94 -4.40
CA ALA A 24 2.08 -5.96 -3.65
C ALA A 24 1.48 -5.40 -2.30
N CYS A 25 2.29 -4.74 -1.45
CA CYS A 25 1.80 -4.02 -0.23
C CYS A 25 0.72 -2.94 -0.51
N LEU A 26 1.02 -2.10 -1.49
CA LEU A 26 0.09 -1.11 -2.06
C LEU A 26 -1.22 -1.67 -2.73
N SER A 27 -1.18 -2.88 -3.30
CA SER A 27 -2.38 -3.61 -3.81
C SER A 27 -3.33 -4.18 -2.71
N LEU A 28 -2.78 -4.66 -1.57
CA LEU A 28 -3.60 -5.05 -0.39
C LEU A 28 -4.27 -3.85 0.33
N CYS A 29 -3.57 -2.70 0.41
CA CYS A 29 -4.12 -1.50 0.99
C CYS A 29 -5.44 -0.82 0.52
N HIS A 30 -5.85 0.15 1.36
CA HIS A 30 -6.95 1.08 1.08
C HIS A 30 -6.30 2.37 0.50
N ILE A 31 -6.53 2.59 -0.79
CA ILE A 31 -5.85 3.63 -1.59
C ILE A 31 -6.71 4.93 -1.77
N GLU A 32 -6.08 6.12 -1.59
CA GLU A 32 -6.73 7.46 -1.74
C GLU A 32 -7.93 7.72 -0.77
N VAL A 14 -3.99 -2.82 6.66
CA VAL A 14 -3.50 -2.54 5.28
C VAL A 14 -3.39 -1.00 4.95
N PRO A 15 -2.40 -0.20 5.49
CA PRO A 15 -2.25 1.23 5.13
C PRO A 15 -1.20 1.50 4.00
N CYS A 16 -1.63 2.06 2.86
CA CYS A 16 -0.75 2.44 1.71
C CYS A 16 0.45 3.40 2.03
N SER A 17 0.30 4.32 3.01
CA SER A 17 1.44 5.12 3.57
C SER A 17 2.67 4.35 4.18
N THR A 18 2.52 3.05 4.41
CA THR A 18 3.60 2.15 4.90
C THR A 18 4.22 1.20 3.80
N CYS A 19 3.50 0.94 2.67
CA CYS A 19 4.02 0.18 1.51
C CYS A 19 5.07 1.00 0.68
N GLU A 20 4.78 2.29 0.41
CA GLU A 20 5.72 3.28 -0.19
C GLU A 20 6.47 2.90 -1.51
N GLY A 21 5.69 2.41 -2.47
CA GLY A 21 6.22 1.93 -3.76
C GLY A 21 6.35 0.41 -3.97
N ASN A 22 6.00 -0.42 -2.96
CA ASN A 22 5.97 -1.89 -3.11
C ASN A 22 4.57 -2.20 -3.61
N LEU A 23 4.51 -2.57 -4.87
CA LEU A 23 3.20 -2.73 -5.51
C LEU A 23 2.24 -3.85 -5.02
N ALA A 24 2.81 -4.89 -4.40
CA ALA A 24 2.06 -5.92 -3.65
C ALA A 24 1.51 -5.39 -2.28
N CYS A 25 2.35 -4.74 -1.45
CA CYS A 25 1.89 -4.01 -0.21
C CYS A 25 0.77 -2.95 -0.50
N LEU A 26 1.01 -2.16 -1.53
CA LEU A 26 0.05 -1.23 -2.13
C LEU A 26 -1.24 -1.85 -2.76
N SER A 27 -1.15 -3.07 -3.30
CA SER A 27 -2.35 -3.86 -3.73
C SER A 27 -3.25 -4.37 -2.55
N LEU A 28 -2.68 -4.59 -1.35
CA LEU A 28 -3.47 -4.90 -0.11
C LEU A 28 -4.22 -3.66 0.43
N CYS A 29 -3.54 -2.51 0.49
CA CYS A 29 -4.14 -1.26 0.90
C CYS A 29 -5.05 -0.49 -0.10
N HIS A 30 -5.71 0.48 0.50
CA HIS A 30 -6.63 1.43 -0.16
C HIS A 30 -5.95 2.83 -0.31
N ILE A 31 -6.19 3.50 -1.44
CA ILE A 31 -5.60 4.87 -1.72
C ILE A 31 -6.60 6.01 -1.30
N GLU A 32 -7.89 5.92 -1.66
CA GLU A 32 -8.94 6.90 -1.26
C GLU A 32 -9.26 7.00 0.26
N VAL A 14 -1.40 -3.60 4.20
CA VAL A 14 -2.70 -2.84 4.07
C VAL A 14 -2.75 -1.29 4.30
N PRO A 15 -1.87 -0.58 5.04
CA PRO A 15 -1.85 0.91 5.06
C PRO A 15 -0.88 1.42 3.93
N CYS A 16 -1.41 1.91 2.79
CA CYS A 16 -0.59 2.40 1.64
C CYS A 16 0.57 3.42 1.92
N SER A 17 0.39 4.33 2.89
CA SER A 17 1.50 5.17 3.44
C SER A 17 2.80 4.43 3.94
N THR A 18 2.62 3.20 4.40
CA THR A 18 3.70 2.29 4.89
C THR A 18 4.27 1.33 3.79
N CYS A 19 3.50 0.96 2.75
CA CYS A 19 3.99 0.20 1.57
C CYS A 19 5.01 1.05 0.73
N GLU A 20 4.68 2.32 0.45
CA GLU A 20 5.56 3.36 -0.13
C GLU A 20 6.41 2.98 -1.38
N GLY A 21 5.70 2.43 -2.37
CA GLY A 21 6.31 1.93 -3.61
C GLY A 21 6.42 0.40 -3.80
N ASN A 22 6.04 -0.43 -2.81
CA ASN A 22 5.99 -1.89 -2.96
C ASN A 22 4.60 -2.21 -3.49
N LEU A 23 4.56 -2.58 -4.75
CA LEU A 23 3.28 -2.76 -5.42
C LEU A 23 2.33 -3.90 -4.93
N ALA A 24 2.90 -4.92 -4.32
CA ALA A 24 2.14 -5.95 -3.56
C ALA A 24 1.52 -5.39 -2.23
N CYS A 25 2.31 -4.72 -1.37
CA CYS A 25 1.80 -3.99 -0.16
C CYS A 25 0.70 -2.93 -0.46
N LEU A 26 0.99 -2.11 -1.46
CA LEU A 26 0.05 -1.16 -2.06
C LEU A 26 -1.23 -1.76 -2.74
N SER A 27 -1.14 -2.96 -3.33
CA SER A 27 -2.33 -3.71 -3.87
C SER A 27 -3.33 -4.23 -2.78
N LEU A 28 -2.83 -4.66 -1.60
CA LEU A 28 -3.71 -5.02 -0.43
C LEU A 28 -4.43 -3.84 0.27
N CYS A 29 -3.90 -2.62 0.11
CA CYS A 29 -4.35 -1.46 0.84
C CYS A 29 -5.62 -0.68 0.40
N HIS A 30 -5.89 0.31 1.25
CA HIS A 30 -6.92 1.36 1.02
C HIS A 30 -6.18 2.61 0.45
N ILE A 31 -6.65 3.13 -0.69
CA ILE A 31 -5.99 4.27 -1.41
C ILE A 31 -6.72 5.61 -1.03
N GLU A 32 -6.24 6.27 0.03
CA GLU A 32 -6.82 7.52 0.57
C GLU A 32 -5.96 8.77 0.16
N VAL A 14 -4.60 -3.19 5.31
CA VAL A 14 -3.22 -2.71 4.98
C VAL A 14 -3.21 -1.15 4.76
N PRO A 15 -2.30 -0.32 5.36
CA PRO A 15 -2.22 1.13 5.06
C PRO A 15 -1.16 1.45 3.94
N CYS A 16 -1.61 2.03 2.80
CA CYS A 16 -0.73 2.44 1.66
C CYS A 16 0.47 3.40 2.00
N SER A 17 0.29 4.30 2.99
CA SER A 17 1.42 5.11 3.58
C SER A 17 2.65 4.35 4.17
N THR A 18 2.53 3.04 4.39
CA THR A 18 3.62 2.15 4.89
C THR A 18 4.24 1.22 3.78
N CYS A 19 3.53 0.96 2.66
CA CYS A 19 4.05 0.21 1.50
C CYS A 19 5.08 1.03 0.66
N GLU A 20 4.77 2.31 0.37
CA GLU A 20 5.70 3.31 -0.24
C GLU A 20 6.47 2.93 -1.54
N GLY A 21 5.71 2.40 -2.49
CA GLY A 21 6.26 1.90 -3.77
C GLY A 21 6.40 0.37 -3.94
N ASN A 22 6.04 -0.44 -2.94
CA ASN A 22 5.99 -1.91 -3.07
C ASN A 22 4.59 -2.21 -3.57
N LEU A 23 4.53 -2.58 -4.83
CA LEU A 23 3.23 -2.73 -5.47
C LEU A 23 2.26 -3.83 -4.97
N ALA A 24 2.81 -4.90 -4.37
CA ALA A 24 2.03 -5.90 -3.61
C ALA A 24 1.50 -5.38 -2.24
N CYS A 25 2.34 -4.71 -1.42
CA CYS A 25 1.88 -3.99 -0.20
C CYS A 25 0.77 -2.92 -0.47
N LEU A 26 1.03 -2.13 -1.50
CA LEU A 26 0.07 -1.20 -2.10
C LEU A 26 -1.24 -1.78 -2.73
N SER A 27 -1.17 -3.01 -3.25
CA SER A 27 -2.37 -3.77 -3.72
C SER A 27 -3.31 -4.29 -2.57
N LEU A 28 -2.76 -4.61 -1.39
CA LEU A 28 -3.57 -4.94 -0.18
C LEU A 28 -4.27 -3.69 0.40
N CYS A 29 -3.53 -2.58 0.54
CA CYS A 29 -4.13 -1.32 0.95
C CYS A 29 -5.16 -0.63 -0.01
N HIS A 30 -5.87 0.31 0.63
CA HIS A 30 -6.91 1.13 0.01
C HIS A 30 -6.31 2.54 -0.30
N ILE A 31 -6.29 2.90 -1.58
CA ILE A 31 -5.62 4.12 -2.08
C ILE A 31 -6.52 5.39 -2.28
N GLU A 32 -7.80 5.25 -2.71
CA GLU A 32 -8.74 6.38 -2.88
C GLU A 32 -10.20 5.91 -2.58
N VAL A 14 -0.74 -3.63 5.95
CA VAL A 14 -1.18 -3.24 4.59
C VAL A 14 -1.37 -1.74 4.17
N PRO A 15 -1.63 -0.68 5.01
CA PRO A 15 -1.87 0.72 4.54
C PRO A 15 -0.88 1.31 3.49
N CYS A 16 -1.40 1.99 2.45
CA CYS A 16 -0.59 2.53 1.33
C CYS A 16 0.51 3.59 1.71
N SER A 17 0.25 4.44 2.72
CA SER A 17 1.31 5.26 3.37
C SER A 17 2.52 4.50 4.01
N THR A 18 2.34 3.22 4.34
CA THR A 18 3.39 2.31 4.91
C THR A 18 4.02 1.30 3.88
N CYS A 19 3.34 0.99 2.74
CA CYS A 19 3.91 0.18 1.63
C CYS A 19 5.03 0.92 0.84
N GLU A 20 4.83 2.23 0.56
CA GLU A 20 5.85 3.17 0.02
C GLU A 20 6.60 2.78 -1.29
N GLY A 21 5.80 2.39 -2.29
CA GLY A 21 6.33 1.92 -3.58
C GLY A 21 6.43 0.40 -3.81
N ASN A 22 6.03 -0.44 -2.83
CA ASN A 22 5.98 -1.90 -3.00
C ASN A 22 4.59 -2.22 -3.54
N LEU A 23 4.56 -2.55 -4.81
CA LEU A 23 3.28 -2.73 -5.49
C LEU A 23 2.32 -3.86 -5.01
N ALA A 24 2.89 -4.90 -4.41
CA ALA A 24 2.14 -5.93 -3.66
C ALA A 24 1.52 -5.38 -2.33
N CYS A 25 2.30 -4.72 -1.45
CA CYS A 25 1.79 -3.99 -0.24
C CYS A 25 0.68 -2.94 -0.54
N LEU A 26 1.00 -2.07 -1.50
CA LEU A 26 0.07 -1.09 -2.10
C LEU A 26 -1.23 -1.68 -2.76
N SER A 27 -1.18 -2.89 -3.32
CA SER A 27 -2.38 -3.62 -3.83
C SER A 27 -3.33 -4.15 -2.69
N LEU A 28 -2.79 -4.63 -1.56
CA LEU A 28 -3.60 -5.01 -0.34
C LEU A 28 -4.22 -3.84 0.48
N CYS A 29 -3.71 -2.62 0.28
CA CYS A 29 -4.05 -1.47 1.09
C CYS A 29 -5.41 -0.71 0.99
N HIS A 30 -5.55 0.10 2.04
CA HIS A 30 -6.62 1.11 2.17
C HIS A 30 -6.05 2.49 1.70
N ILE A 31 -6.78 3.22 0.84
CA ILE A 31 -6.28 4.50 0.25
C ILE A 31 -6.81 5.69 1.12
N GLU A 32 -5.99 6.16 2.06
CA GLU A 32 -6.32 7.27 2.98
C GLU A 32 -5.04 8.04 3.40
N VAL A 14 -3.58 -3.28 5.95
CA VAL A 14 -2.48 -2.79 5.07
C VAL A 14 -2.67 -1.26 4.79
N PRO A 15 -1.87 -0.30 5.36
CA PRO A 15 -1.96 1.14 5.00
C PRO A 15 -1.05 1.49 3.77
N CYS A 16 -1.59 2.04 2.68
CA CYS A 16 -0.79 2.49 1.50
C CYS A 16 0.34 3.54 1.78
N SER A 17 0.12 4.48 2.71
CA SER A 17 1.20 5.35 3.26
C SER A 17 2.46 4.64 3.89
N THR A 18 2.33 3.36 4.24
CA THR A 18 3.41 2.52 4.83
C THR A 18 4.01 1.43 3.87
N CYS A 19 3.40 1.13 2.69
CA CYS A 19 3.96 0.19 1.68
C CYS A 19 5.19 0.75 0.87
N GLU A 20 5.34 2.09 0.77
CA GLU A 20 6.51 2.80 0.21
C GLU A 20 6.98 2.46 -1.25
N GLY A 21 6.00 2.38 -2.16
CA GLY A 21 6.29 2.00 -3.56
C GLY A 21 6.37 0.48 -3.87
N ASN A 22 6.00 -0.39 -2.92
CA ASN A 22 5.94 -1.84 -3.13
C ASN A 22 4.54 -2.13 -3.65
N LEU A 23 4.48 -2.44 -4.92
CA LEU A 23 3.17 -2.60 -5.56
C LEU A 23 2.24 -3.76 -5.09
N ALA A 24 2.83 -4.81 -4.51
CA ALA A 24 2.11 -5.86 -3.77
C ALA A 24 1.52 -5.33 -2.41
N CYS A 25 2.32 -4.68 -1.53
CA CYS A 25 1.83 -3.98 -0.31
C CYS A 25 0.72 -2.92 -0.57
N LEU A 26 1.00 -2.05 -1.52
CA LEU A 26 0.04 -1.08 -2.08
C LEU A 26 -1.26 -1.65 -2.74
N SER A 27 -1.20 -2.88 -3.29
CA SER A 27 -2.41 -3.61 -3.80
C SER A 27 -3.31 -4.22 -2.68
N LEU A 28 -2.74 -4.69 -1.56
CA LEU A 28 -3.52 -5.13 -0.36
C LEU A 28 -4.20 -3.97 0.42
N CYS A 29 -3.53 -2.81 0.49
CA CYS A 29 -4.05 -1.64 1.16
C CYS A 29 -5.44 -0.97 0.87
N HIS A 30 -5.76 -0.07 1.82
CA HIS A 30 -6.94 0.81 1.76
C HIS A 30 -6.44 2.18 1.16
N ILE A 31 -6.93 2.56 -0.02
CA ILE A 31 -6.44 3.78 -0.75
C ILE A 31 -7.40 4.97 -0.43
N GLU A 32 -7.09 5.72 0.64
CA GLU A 32 -7.92 6.87 1.10
C GLU A 32 -7.79 8.18 0.25
N VAL A 14 -0.99 -3.61 6.10
CA VAL A 14 -1.26 -3.21 4.69
C VAL A 14 -1.45 -1.71 4.26
N PRO A 15 -1.65 -0.62 5.07
CA PRO A 15 -1.87 0.77 4.56
C PRO A 15 -0.88 1.32 3.48
N CYS A 16 -1.40 2.00 2.45
CA CYS A 16 -0.58 2.52 1.31
C CYS A 16 0.53 3.55 1.70
N SER A 17 0.28 4.44 2.67
CA SER A 17 1.35 5.27 3.31
C SER A 17 2.55 4.50 3.97
N THR A 18 2.35 3.23 4.33
CA THR A 18 3.38 2.33 4.91
C THR A 18 4.00 1.29 3.89
N CYS A 19 3.34 1.00 2.74
CA CYS A 19 3.89 0.18 1.64
C CYS A 19 5.03 0.93 0.85
N GLU A 20 4.84 2.22 0.57
CA GLU A 20 5.87 3.16 0.04
C GLU A 20 6.61 2.77 -1.28
N GLY A 21 5.81 2.39 -2.28
CA GLY A 21 6.34 1.91 -3.57
C GLY A 21 6.43 0.39 -3.80
N ASN A 22 6.03 -0.44 -2.82
CA ASN A 22 5.97 -1.90 -2.99
C ASN A 22 4.58 -2.21 -3.54
N LEU A 23 4.55 -2.54 -4.81
CA LEU A 23 3.27 -2.72 -5.48
C LEU A 23 2.31 -3.86 -5.02
N ALA A 24 2.89 -4.90 -4.41
CA ALA A 24 2.13 -5.92 -3.66
C ALA A 24 1.51 -5.36 -2.33
N CYS A 25 2.29 -4.70 -1.45
CA CYS A 25 1.77 -3.99 -0.24
C CYS A 25 0.67 -2.91 -0.54
N LEU A 26 0.99 -2.05 -1.50
CA LEU A 26 0.07 -1.07 -2.09
C LEU A 26 -1.24 -1.63 -2.75
N SER A 27 -1.19 -2.83 -3.35
CA SER A 27 -2.40 -3.56 -3.85
C SER A 27 -3.32 -4.15 -2.72
N LEU A 28 -2.76 -4.58 -1.57
CA LEU A 28 -3.56 -4.99 -0.37
C LEU A 28 -4.20 -3.83 0.46
N CYS A 29 -3.66 -2.63 0.32
CA CYS A 29 -4.04 -1.50 1.14
C CYS A 29 -5.44 -0.81 1.04
N HIS A 30 -5.60 0.05 2.06
CA HIS A 30 -6.71 1.02 2.17
C HIS A 30 -6.15 2.37 1.59
N ILE A 31 -6.80 2.94 0.58
CA ILE A 31 -6.27 4.15 -0.13
C ILE A 31 -6.91 5.42 0.55
N GLU A 32 -6.21 5.93 1.58
CA GLU A 32 -6.69 7.05 2.42
C GLU A 32 -6.30 8.45 1.86
N VAL A 14 -2.98 -3.38 6.46
CA VAL A 14 -2.60 -3.00 5.08
C VAL A 14 -2.82 -1.47 4.81
N PRO A 15 -1.91 -0.52 5.21
CA PRO A 15 -2.05 0.93 4.89
C PRO A 15 -1.03 1.39 3.78
N CYS A 16 -1.51 1.97 2.67
CA CYS A 16 -0.65 2.45 1.54
C CYS A 16 0.46 3.50 1.90
N SER A 17 0.23 4.39 2.88
CA SER A 17 1.31 5.25 3.47
C SER A 17 2.57 4.54 4.07
N THR A 18 2.47 3.23 4.33
CA THR A 18 3.58 2.37 4.85
C THR A 18 4.19 1.38 3.80
N CYS A 19 3.47 1.03 2.71
CA CYS A 19 4.01 0.21 1.59
C CYS A 19 5.08 0.98 0.74
N GLU A 20 4.84 2.28 0.46
CA GLU A 20 5.79 3.25 -0.15
C GLU A 20 6.57 2.83 -1.43
N GLY A 21 5.80 2.34 -2.39
CA GLY A 21 6.36 1.83 -3.66
C GLY A 21 6.46 0.30 -3.85
N ASN A 22 6.08 -0.51 -2.86
CA ASN A 22 6.02 -1.98 -2.99
C ASN A 22 4.63 -2.27 -3.54
N LEU A 23 4.59 -2.61 -4.81
CA LEU A 23 3.31 -2.75 -5.49
C LEU A 23 2.33 -3.87 -5.01
N ALA A 24 2.89 -4.92 -4.40
CA ALA A 24 2.11 -5.95 -3.66
C ALA A 24 1.50 -5.38 -2.33
N CYS A 25 2.31 -4.75 -1.44
CA CYS A 25 1.82 -4.02 -0.23
C CYS A 25 0.72 -2.94 -0.50
N LEU A 26 1.02 -2.10 -1.48
CA LEU A 26 0.09 -1.13 -2.08
C LEU A 26 -1.21 -1.71 -2.75
N SER A 27 -1.13 -2.90 -3.36
CA SER A 27 -2.34 -3.62 -3.89
C SER A 27 -3.33 -4.16 -2.80
N LEU A 28 -2.80 -4.64 -1.64
CA LEU A 28 -3.65 -5.02 -0.47
C LEU A 28 -4.34 -3.85 0.29
N CYS A 29 -3.69 -2.68 0.31
CA CYS A 29 -4.12 -1.55 1.11
C CYS A 29 -5.46 -0.76 0.93
N HIS A 30 -5.64 0.09 1.95
CA HIS A 30 -6.70 1.13 1.99
C HIS A 30 -6.08 2.44 1.42
N ILE A 31 -6.83 3.17 0.57
CA ILE A 31 -6.28 4.39 -0.12
C ILE A 31 -6.59 5.65 0.77
N GLU A 32 -5.56 6.02 1.56
CA GLU A 32 -5.64 7.12 2.56
C GLU A 32 -5.71 8.56 1.97
N VAL A 14 -4.24 -2.70 6.60
CA VAL A 14 -3.70 -2.45 5.25
C VAL A 14 -3.52 -0.92 4.92
N PRO A 15 -2.49 -0.18 5.44
CA PRO A 15 -2.29 1.26 5.10
C PRO A 15 -1.22 1.51 3.97
N CYS A 16 -1.65 2.10 2.84
CA CYS A 16 -0.75 2.46 1.70
C CYS A 16 0.44 3.43 2.02
N SER A 17 0.29 4.33 3.01
CA SER A 17 1.43 5.13 3.57
C SER A 17 2.66 4.36 4.16
N THR A 18 2.51 3.05 4.40
CA THR A 18 3.58 2.16 4.91
C THR A 18 4.22 1.22 3.83
N CYS A 19 3.52 0.94 2.70
CA CYS A 19 4.05 0.18 1.54
C CYS A 19 5.10 0.97 0.70
N GLU A 20 4.84 2.27 0.44
CA GLU A 20 5.79 3.24 -0.17
C GLU A 20 6.51 2.86 -1.49
N GLY A 21 5.71 2.41 -2.45
CA GLY A 21 6.21 1.94 -3.76
C GLY A 21 6.33 0.41 -3.97
N ASN A 22 6.00 -0.42 -2.98
CA ASN A 22 5.97 -1.89 -3.14
C ASN A 22 4.55 -2.20 -3.62
N LEU A 23 4.47 -2.54 -4.88
CA LEU A 23 3.17 -2.69 -5.52
C LEU A 23 2.21 -3.82 -5.04
N ALA A 24 2.78 -4.87 -4.44
CA ALA A 24 2.03 -5.89 -3.69
C ALA A 24 1.50 -5.38 -2.31
N CYS A 25 2.35 -4.74 -1.47
CA CYS A 25 1.90 -4.02 -0.24
C CYS A 25 0.79 -2.96 -0.49
N LEU A 26 1.03 -2.15 -1.52
CA LEU A 26 0.07 -1.21 -2.09
C LEU A 26 -1.25 -1.81 -2.71
N SER A 27 -1.17 -3.02 -3.28
CA SER A 27 -2.38 -3.79 -3.71
C SER A 27 -3.23 -4.37 -2.52
N LEU A 28 -2.65 -4.56 -1.32
CA LEU A 28 -3.43 -4.89 -0.08
C LEU A 28 -4.20 -3.67 0.47
N CYS A 29 -3.54 -2.51 0.52
CA CYS A 29 -4.17 -1.25 0.89
C CYS A 29 -5.05 -0.55 -0.21
N HIS A 30 -5.61 0.57 0.24
CA HIS A 30 -6.45 1.47 -0.58
C HIS A 30 -5.50 2.58 -1.15
N ILE A 31 -5.26 2.49 -2.45
CA ILE A 31 -4.23 3.31 -3.15
C ILE A 31 -4.76 4.61 -3.85
N GLU A 32 -5.88 4.55 -4.61
CA GLU A 32 -6.48 5.70 -5.32
C GLU A 32 -8.02 5.69 -5.15
N VAL A 14 -2.66 -3.49 6.46
CA VAL A 14 -2.45 -3.11 5.05
C VAL A 14 -2.63 -1.56 4.80
N PRO A 15 -1.67 -0.64 5.16
CA PRO A 15 -1.79 0.82 4.89
C PRO A 15 -0.89 1.29 3.69
N CYS A 16 -1.47 1.90 2.65
CA CYS A 16 -0.69 2.44 1.49
C CYS A 16 0.38 3.53 1.83
N SER A 17 0.11 4.42 2.81
CA SER A 17 1.14 5.33 3.40
C SER A 17 2.39 4.67 4.10
N THR A 18 2.39 3.34 4.25
CA THR A 18 3.52 2.55 4.82
C THR A 18 4.14 1.51 3.81
N CYS A 19 3.45 1.10 2.72
CA CYS A 19 4.00 0.22 1.65
C CYS A 19 5.15 0.89 0.81
N GLU A 20 5.08 2.22 0.60
CA GLU A 20 6.15 3.07 0.00
C GLU A 20 6.80 2.65 -1.35
N GLY A 21 5.92 2.34 -2.30
CA GLY A 21 6.35 1.87 -3.63
C GLY A 21 6.43 0.34 -3.87
N ASN A 22 6.05 -0.49 -2.88
CA ASN A 22 5.98 -1.94 -3.05
C ASN A 22 4.58 -2.24 -3.57
N LEU A 23 4.52 -2.55 -4.84
CA LEU A 23 3.24 -2.70 -5.50
C LEU A 23 2.27 -3.83 -5.03
N ALA A 24 2.84 -4.88 -4.43
CA ALA A 24 2.09 -5.91 -3.69
C ALA A 24 1.49 -5.36 -2.34
N CYS A 25 2.30 -4.73 -1.46
CA CYS A 25 1.82 -4.00 -0.24
C CYS A 25 0.72 -2.93 -0.50
N LEU A 26 1.00 -2.09 -1.48
CA LEU A 26 0.07 -1.11 -2.06
C LEU A 26 -1.24 -1.68 -2.74
N SER A 27 -1.17 -2.88 -3.35
CA SER A 27 -2.38 -3.59 -3.88
C SER A 27 -3.34 -4.19 -2.78
N LEU A 28 -2.81 -4.63 -1.63
CA LEU A 28 -3.64 -5.04 -0.45
C LEU A 28 -4.34 -3.89 0.33
N CYS A 29 -3.73 -2.70 0.31
CA CYS A 29 -4.14 -1.58 1.12
C CYS A 29 -5.46 -0.78 0.95
N HIS A 30 -5.69 -0.04 2.03
CA HIS A 30 -6.71 1.03 2.13
C HIS A 30 -5.96 2.42 2.13
N ILE A 31 -6.69 3.53 1.88
CA ILE A 31 -6.06 4.88 1.77
C ILE A 31 -6.01 5.61 3.16
N GLU A 32 -5.06 5.15 4.00
CA GLU A 32 -4.90 5.59 5.40
C GLU A 32 -3.90 6.78 5.54
N VAL A 14 -1.26 -3.58 6.20
CA VAL A 14 -1.34 -3.21 4.77
C VAL A 14 -1.58 -1.71 4.33
N PRO A 15 -1.66 -0.59 5.12
CA PRO A 15 -1.97 0.76 4.58
C PRO A 15 -0.91 1.35 3.58
N CYS A 16 -1.40 2.00 2.50
CA CYS A 16 -0.57 2.51 1.38
C CYS A 16 0.58 3.51 1.73
N SER A 17 0.39 4.40 2.71
CA SER A 17 1.49 5.21 3.31
C SER A 17 2.73 4.43 3.88
N THR A 18 2.48 3.21 4.35
CA THR A 18 3.51 2.28 4.89
C THR A 18 4.08 1.26 3.83
N CYS A 19 3.33 0.91 2.76
CA CYS A 19 3.85 0.14 1.61
C CYS A 19 4.90 0.95 0.77
N GLU A 20 4.64 2.26 0.55
CA GLU A 20 5.59 3.26 -0.01
C GLU A 20 6.42 2.91 -1.28
N GLY A 21 5.70 2.39 -2.26
CA GLY A 21 6.31 1.92 -3.51
C GLY A 21 6.41 0.39 -3.72
N ASN A 22 6.03 -0.44 -2.73
CA ASN A 22 5.98 -1.90 -2.88
C ASN A 22 4.61 -2.22 -3.46
N LEU A 23 4.61 -2.56 -4.73
CA LEU A 23 3.35 -2.73 -5.44
C LEU A 23 2.37 -3.87 -4.98
N ALA A 24 2.93 -4.90 -4.36
CA ALA A 24 2.16 -5.94 -3.64
C ALA A 24 1.51 -5.38 -2.32
N CYS A 25 2.28 -4.72 -1.43
CA CYS A 25 1.74 -4.01 -0.22
C CYS A 25 0.65 -2.95 -0.54
N LEU A 26 0.98 -2.08 -1.49
CA LEU A 26 0.07 -1.09 -2.10
C LEU A 26 -1.22 -1.66 -2.78
N SER A 27 -1.16 -2.88 -3.35
CA SER A 27 -2.37 -3.61 -3.87
C SER A 27 -3.33 -4.14 -2.75
N LEU A 28 -2.78 -4.62 -1.60
CA LEU A 28 -3.60 -4.99 -0.40
C LEU A 28 -4.24 -3.81 0.40
N CYS A 29 -3.64 -2.63 0.30
CA CYS A 29 -4.03 -1.48 1.08
C CYS A 29 -5.40 -0.75 0.98
N HIS A 30 -5.55 0.14 1.97
CA HIS A 30 -6.65 1.12 2.09
C HIS A 30 -6.11 2.46 1.47
N ILE A 31 -6.72 2.92 0.36
CA ILE A 31 -6.23 4.10 -0.41
C ILE A 31 -7.04 5.38 0.02
N GLU A 32 -6.37 6.37 0.64
CA GLU A 32 -6.99 7.62 1.13
C GLU A 32 -5.96 8.79 1.18
#